data_6VG4
#
_entry.id   6VG4
#
_cell.length_a   84.087
_cell.length_b   84.087
_cell.length_c   543.917
_cell.angle_alpha   90.000
_cell.angle_beta   90.000
_cell.angle_gamma   90.000
#
_symmetry.space_group_name_H-M   'P 41 21 2'
#
loop_
_entity.id
_entity.type
_entity.pdbx_description
1 polymer Protocadherin-10
2 branched 2-acetamido-2-deoxy-beta-D-glucopyranose-(1-4)-2-acetamido-2-deoxy-beta-D-glucopyranose
3 branched beta-D-mannopyranose-(1-4)-2-acetamido-2-deoxy-beta-D-glucopyranose-(1-4)-2-acetamido-2-deoxy-beta-D-glucopyranose
4 non-polymer 'CALCIUM ION'
5 non-polymer alpha-D-mannopyranose
6 non-polymer TRIS(HYDROXYETHYL)AMINOMETHANE
7 non-polymer 'CHLORIDE ION'
8 non-polymer 'SODIUM ION'
9 water water
#
_entity_poly.entity_id   1
_entity_poly.type   'polypeptide(L)'
_entity_poly.pdbx_seq_one_letter_code
;SQLHYTVQEEQEHGTFVGNIAEDLGLDITKLSARGFQTVPNSRTPYLDLNLETGVLYVNEKIDREQICKQSPSCVLHLEV
FLENPLELFQVEIEVLDINDNPPSFPEPDLTVEISESATPGTRFPLESAFDPDVGTNSLRDYEITPNSYFSLDVQTQGDG
NRFAELVLEKPLDREQQAVHRYVLTAVDGGGGGGVGEGGGGGGGAGLPPQQQRTGTALLTIRVLDSNDNVPAFDQPVYTV
SLPENSPPGTLVIQLNATDPDEGQNGEVVYSFSSHISPRARELFGLSPRTGRLEVSGELDYEESPVYQVYVQAKDLGPNA
VPAHCKVLVRVLDANDNAPEISFSTVKEAVSEGAAPGTVVALFSVTDRDSEENGQVQCELLGDVPFRLKSSFKNYYTIVT
EAPLDREAGDSYTLTVVARDRGEPALSTSKSIQVQVSDVNDNAPRFSQPVYDVYVTENNVPGAYIYAVSATDRDEGANAQ
LAYSILECQIQGMSVFTYVSINSENGYLYALRSFDYEQLKDFSFQVEARDAGSPQALAGNATVNILIVDQNDNAPAIVAP
LPGRNGTPAREVLPRSAEPGYLLTRVAAVDADDGENARLTYSIVRGNEMNLFRMDWRTGELRTARRVPAKRDPQRPYELV
IEVRDHGQPPLSSTATLVVQLVDHHHHHH
;
_entity_poly.pdbx_strand_id   A
#
# COMPACT_ATOMS: atom_id res chain seq x y z
N SER A 1 123.92 -11.12 -26.37
CA SER A 1 123.31 -10.13 -25.43
C SER A 1 121.79 -10.23 -25.44
N GLN A 2 121.13 -9.16 -25.00
CA GLN A 2 119.68 -9.07 -25.01
C GLN A 2 119.27 -8.09 -26.12
N LEU A 3 118.67 -8.62 -27.18
CA LEU A 3 118.14 -7.80 -28.25
C LEU A 3 116.73 -7.36 -27.89
N HIS A 4 116.47 -6.05 -28.02
CA HIS A 4 115.21 -5.46 -27.57
C HIS A 4 114.57 -4.64 -28.68
N TYR A 5 113.25 -4.75 -28.78
CA TYR A 5 112.47 -3.91 -29.69
C TYR A 5 111.14 -3.60 -29.03
N THR A 6 110.47 -2.59 -29.57
CA THR A 6 109.14 -2.21 -29.13
C THR A 6 108.29 -1.92 -30.36
N VAL A 7 107.04 -2.35 -30.33
CA VAL A 7 106.13 -2.13 -31.44
C VAL A 7 104.70 -2.16 -30.91
N GLN A 8 103.82 -1.38 -31.55
CA GLN A 8 102.43 -1.32 -31.13
C GLN A 8 101.69 -2.58 -31.56
N GLU A 9 100.49 -2.76 -31.02
CA GLU A 9 99.62 -3.83 -31.47
C GLU A 9 98.87 -3.39 -32.71
N GLU A 10 98.15 -4.35 -33.31
CA GLU A 10 97.30 -4.08 -34.47
C GLU A 10 98.08 -3.41 -35.60
N GLN A 11 99.36 -3.72 -35.71
CA GLN A 11 100.18 -3.21 -36.80
C GLN A 11 99.92 -4.02 -38.07
N GLU A 12 100.05 -3.34 -39.21
CA GLU A 12 99.77 -3.97 -40.49
C GLU A 12 100.77 -5.08 -40.80
N HIS A 13 100.31 -6.03 -41.61
CA HIS A 13 101.18 -7.09 -42.11
C HIS A 13 102.35 -6.50 -42.88
N GLY A 14 103.57 -6.84 -42.46
CA GLY A 14 104.77 -6.34 -43.10
C GLY A 14 105.42 -5.16 -42.43
N THR A 15 104.94 -4.74 -41.26
CA THR A 15 105.52 -3.59 -40.58
C THR A 15 106.94 -3.90 -40.14
N PHE A 16 107.83 -2.91 -40.29
CA PHE A 16 109.21 -3.06 -39.85
C PHE A 16 109.27 -3.15 -38.33
N VAL A 17 109.98 -4.15 -37.81
CA VAL A 17 110.14 -4.35 -36.39
C VAL A 17 111.55 -3.98 -35.94
N GLY A 18 112.56 -4.41 -36.68
CA GLY A 18 113.94 -4.14 -36.34
C GLY A 18 114.91 -4.98 -37.14
N ASN A 19 116.10 -4.47 -37.39
CA ASN A 19 117.11 -5.18 -38.17
C ASN A 19 118.05 -5.88 -37.18
N ILE A 20 117.85 -7.19 -37.02
CA ILE A 20 118.72 -7.97 -36.15
C ILE A 20 120.17 -7.88 -36.64
N ALA A 21 120.37 -8.10 -37.94
CA ALA A 21 121.72 -8.13 -38.49
C ALA A 21 122.48 -6.85 -38.17
N GLU A 22 121.85 -5.69 -38.41
CA GLU A 22 122.53 -4.43 -38.18
C GLU A 22 122.83 -4.22 -36.71
N ASP A 23 121.85 -4.51 -35.84
CA ASP A 23 122.06 -4.33 -34.40
C ASP A 23 123.13 -5.27 -33.86
N LEU A 24 123.39 -6.39 -34.54
CA LEU A 24 124.44 -7.31 -34.11
C LEU A 24 125.78 -7.08 -34.82
N GLY A 25 125.82 -6.21 -35.83
CA GLY A 25 127.07 -5.88 -36.47
C GLY A 25 127.57 -6.90 -37.47
N LEU A 26 126.68 -7.73 -38.02
CA LEU A 26 127.04 -8.73 -39.01
C LEU A 26 126.51 -8.30 -40.38
N ASP A 27 127.40 -8.27 -41.37
CA ASP A 27 127.04 -7.75 -42.67
C ASP A 27 126.03 -8.65 -43.37
N ILE A 28 125.36 -8.09 -44.38
CA ILE A 28 124.12 -8.65 -44.89
C ILE A 28 124.36 -10.00 -45.57
N THR A 29 125.43 -10.12 -46.35
CA THR A 29 125.62 -11.31 -47.17
C THR A 29 126.30 -12.45 -46.44
N LYS A 30 127.10 -12.16 -45.41
CA LYS A 30 127.72 -13.21 -44.62
C LYS A 30 126.69 -13.99 -43.79
N LEU A 31 125.49 -13.45 -43.62
CA LEU A 31 124.46 -14.16 -42.85
C LEU A 31 124.12 -15.50 -43.48
N SER A 32 123.99 -15.53 -44.81
CA SER A 32 123.58 -16.76 -45.47
C SER A 32 124.58 -17.89 -45.24
N ALA A 33 125.86 -17.56 -45.16
CA ALA A 33 126.88 -18.59 -44.94
C ALA A 33 126.81 -19.15 -43.52
N ARG A 34 126.60 -18.28 -42.54
CA ARG A 34 126.66 -18.66 -41.13
C ARG A 34 125.45 -19.45 -40.65
N GLY A 35 124.45 -19.68 -41.50
CA GLY A 35 123.26 -20.40 -41.08
C GLY A 35 122.34 -19.59 -40.19
N PHE A 36 122.19 -18.30 -40.49
CA PHE A 36 121.30 -17.43 -39.73
C PHE A 36 119.88 -17.98 -39.79
N GLN A 37 119.32 -18.34 -38.63
CA GLN A 37 118.04 -19.02 -38.60
C GLN A 37 117.33 -18.74 -37.27
N THR A 38 116.02 -18.97 -37.27
CA THR A 38 115.19 -18.83 -36.09
C THR A 38 114.97 -20.20 -35.44
N VAL A 39 115.16 -20.27 -34.14
CA VAL A 39 114.92 -21.53 -33.42
C VAL A 39 113.49 -21.99 -33.71
N PRO A 40 113.24 -23.30 -33.91
CA PRO A 40 111.88 -23.69 -34.31
C PRO A 40 110.83 -23.46 -33.25
N ASN A 41 111.12 -23.75 -31.98
CA ASN A 41 110.10 -23.66 -30.94
C ASN A 41 109.78 -22.20 -30.57
N SER A 42 110.66 -21.26 -30.89
CA SER A 42 110.42 -19.86 -30.57
C SER A 42 109.67 -19.11 -31.66
N ARG A 43 109.44 -19.75 -32.81
CA ARG A 43 108.72 -19.09 -33.90
C ARG A 43 107.32 -18.70 -33.45
N THR A 44 106.87 -17.53 -33.92
CA THR A 44 105.52 -17.07 -33.65
C THR A 44 104.85 -16.68 -34.96
N PRO A 45 103.56 -16.99 -35.12
CA PRO A 45 102.87 -16.56 -36.35
C PRO A 45 102.81 -15.05 -36.53
N TYR A 46 103.18 -14.26 -35.51
CA TYR A 46 103.09 -12.82 -35.59
C TYR A 46 104.33 -12.18 -36.20
N LEU A 47 105.46 -12.88 -36.21
CA LEU A 47 106.73 -12.31 -36.65
C LEU A 47 107.36 -13.18 -37.71
N ASP A 48 107.87 -12.54 -38.76
CA ASP A 48 108.57 -13.22 -39.85
C ASP A 48 109.93 -12.57 -40.02
N LEU A 49 110.99 -13.37 -39.95
CA LEU A 49 112.35 -12.88 -40.06
C LEU A 49 112.89 -13.16 -41.46
N ASN A 50 113.29 -12.10 -42.16
CA ASN A 50 113.86 -12.25 -43.49
C ASN A 50 115.31 -12.68 -43.33
N LEU A 51 115.59 -13.96 -43.62
CA LEU A 51 116.92 -14.51 -43.40
C LEU A 51 117.96 -13.82 -44.28
N GLU A 52 117.54 -13.29 -45.43
CA GLU A 52 118.49 -12.67 -46.36
C GLU A 52 119.00 -11.35 -45.81
N THR A 53 118.13 -10.57 -45.16
CA THR A 53 118.48 -9.23 -44.69
C THR A 53 118.64 -9.13 -43.18
N GLY A 54 118.09 -10.08 -42.42
CA GLY A 54 118.12 -9.98 -40.97
C GLY A 54 117.10 -9.01 -40.38
N VAL A 55 116.04 -8.70 -41.12
CA VAL A 55 115.03 -7.74 -40.69
C VAL A 55 113.78 -8.49 -40.27
N LEU A 56 113.19 -8.03 -39.17
CA LEU A 56 111.94 -8.59 -38.65
C LEU A 56 110.75 -7.83 -39.20
N TYR A 57 109.72 -8.56 -39.61
CA TYR A 57 108.47 -8.00 -40.07
C TYR A 57 107.33 -8.56 -39.22
N VAL A 58 106.27 -7.77 -39.10
CA VAL A 58 105.02 -8.28 -38.53
C VAL A 58 104.36 -9.18 -39.58
N ASN A 59 104.18 -10.45 -39.23
CA ASN A 59 103.62 -11.41 -40.17
C ASN A 59 102.11 -11.53 -40.03
N GLU A 60 101.61 -11.62 -38.80
CA GLU A 60 100.18 -11.61 -38.52
C GLU A 60 99.88 -10.46 -37.58
N LYS A 61 98.78 -9.75 -37.84
CA LYS A 61 98.44 -8.58 -37.06
C LYS A 61 98.34 -8.94 -35.58
N ILE A 62 99.09 -8.23 -34.75
CA ILE A 62 99.17 -8.53 -33.33
C ILE A 62 98.01 -7.87 -32.60
N ASP A 63 97.27 -8.66 -31.84
CA ASP A 63 96.17 -8.17 -30.99
C ASP A 63 96.60 -8.35 -29.54
N ARG A 64 96.99 -7.24 -28.90
CA ARG A 64 97.52 -7.34 -27.54
C ARG A 64 96.48 -7.89 -26.58
N GLU A 65 95.22 -7.53 -26.77
CA GLU A 65 94.16 -8.03 -25.92
C GLU A 65 93.87 -9.51 -26.13
N GLN A 66 94.49 -10.13 -27.14
CA GLN A 66 94.29 -11.55 -27.39
C GLN A 66 95.46 -12.41 -26.90
N ILE A 67 96.64 -11.82 -26.73
CA ILE A 67 97.85 -12.57 -26.39
C ILE A 67 98.17 -12.41 -24.92
N CYS A 68 97.90 -11.25 -24.37
CA CYS A 68 98.20 -10.97 -22.98
C CYS A 68 96.97 -10.74 -22.12
N LYS A 69 95.87 -10.25 -22.70
CA LYS A 69 94.63 -10.05 -21.97
C LYS A 69 94.89 -9.34 -20.62
N GLN A 70 95.07 -8.02 -20.67
CA GLN A 70 95.22 -7.17 -19.49
C GLN A 70 96.49 -7.46 -18.70
N SER A 71 97.49 -8.08 -19.31
CA SER A 71 98.74 -8.17 -18.57
C SER A 71 99.49 -6.84 -18.66
N PRO A 72 100.05 -6.35 -17.56
CA PRO A 72 100.77 -5.06 -17.62
C PRO A 72 101.96 -5.11 -18.56
N SER A 73 102.60 -6.27 -18.70
CA SER A 73 103.77 -6.43 -19.55
C SER A 73 103.42 -7.40 -20.66
N CYS A 74 103.68 -7.00 -21.91
CA CYS A 74 103.45 -7.86 -23.06
C CYS A 74 104.70 -7.89 -23.93
N VAL A 75 105.43 -8.99 -23.82
CA VAL A 75 106.70 -9.18 -24.52
C VAL A 75 106.62 -10.51 -25.28
N LEU A 76 107.03 -10.48 -26.54
CA LEU A 76 107.18 -11.70 -27.33
C LEU A 76 108.64 -12.11 -27.34
N HIS A 77 108.89 -13.37 -27.01
CA HIS A 77 110.25 -13.89 -26.91
C HIS A 77 110.53 -14.77 -28.12
N LEU A 78 111.50 -14.35 -28.93
CA LEU A 78 111.99 -15.11 -30.08
C LEU A 78 113.48 -15.37 -29.89
N GLU A 79 114.00 -16.39 -30.56
CA GLU A 79 115.39 -16.76 -30.42
C GLU A 79 115.99 -17.03 -31.79
N VAL A 80 117.22 -16.55 -32.01
CA VAL A 80 117.91 -16.73 -33.28
C VAL A 80 119.33 -17.23 -33.00
N PHE A 81 119.92 -17.85 -34.02
CA PHE A 81 121.24 -18.46 -33.84
C PHE A 81 122.02 -18.43 -35.14
N LEU A 82 123.34 -18.38 -34.99
CA LEU A 82 124.29 -18.46 -36.10
C LEU A 82 125.23 -19.64 -35.87
N GLU A 83 125.81 -20.14 -36.97
CA GLU A 83 126.70 -21.28 -36.94
C GLU A 83 128.12 -20.88 -37.30
N ASN A 84 129.08 -21.61 -36.76
CA ASN A 84 130.49 -21.45 -37.09
C ASN A 84 130.96 -20.00 -37.01
N PRO A 85 131.16 -19.49 -35.78
CA PRO A 85 130.90 -20.17 -34.51
C PRO A 85 129.43 -20.08 -34.10
N LEU A 86 129.02 -20.94 -33.17
CA LEU A 86 127.63 -20.95 -32.73
C LEU A 86 127.36 -19.77 -31.81
N GLU A 87 126.33 -18.99 -32.14
CA GLU A 87 125.94 -17.83 -31.34
C GLU A 87 124.42 -17.83 -31.19
N LEU A 88 123.95 -17.84 -29.94
CA LEU A 88 122.52 -17.81 -29.64
C LEU A 88 122.14 -16.44 -29.10
N PHE A 89 120.95 -15.96 -29.50
CA PHE A 89 120.49 -14.63 -29.15
C PHE A 89 119.02 -14.66 -28.76
N GLN A 90 118.72 -14.05 -27.62
CA GLN A 90 117.35 -13.74 -27.22
C GLN A 90 116.91 -12.45 -27.89
N VAL A 91 115.63 -12.41 -28.29
CA VAL A 91 115.04 -11.25 -28.94
C VAL A 91 113.70 -11.01 -28.27
N GLU A 92 113.59 -9.92 -27.52
CA GLU A 92 112.36 -9.55 -26.84
C GLU A 92 111.71 -8.38 -27.60
N ILE A 93 110.50 -8.60 -28.07
CA ILE A 93 109.72 -7.58 -28.76
C ILE A 93 108.58 -7.18 -27.84
N GLU A 94 108.71 -6.02 -27.19
CA GLU A 94 107.71 -5.54 -26.26
C GLU A 94 106.52 -4.99 -27.03
N VAL A 95 105.33 -5.56 -26.79
CA VAL A 95 104.11 -5.12 -27.46
C VAL A 95 103.50 -4.00 -26.64
N LEU A 96 103.19 -2.89 -27.30
CA LEU A 96 102.62 -1.71 -26.66
C LEU A 96 101.12 -1.65 -26.88
N ASP A 97 100.40 -1.20 -25.85
CA ASP A 97 98.95 -1.14 -25.89
C ASP A 97 98.50 0.16 -26.53
N ILE A 98 97.52 0.06 -27.43
CA ILE A 98 96.89 1.22 -28.04
C ILE A 98 95.42 1.22 -27.63
N ASN A 99 94.79 2.39 -27.71
CA ASN A 99 93.39 2.52 -27.28
C ASN A 99 92.47 2.22 -28.46
N ASP A 100 92.41 0.93 -28.79
CA ASP A 100 91.49 0.44 -29.82
C ASP A 100 90.30 -0.29 -29.22
N ASN A 101 90.04 -0.09 -27.92
CA ASN A 101 88.95 -0.76 -27.23
C ASN A 101 88.29 0.20 -26.24
N PRO A 102 86.97 0.40 -26.32
CA PRO A 102 86.31 1.25 -25.33
C PRO A 102 85.96 0.45 -24.09
N PRO A 103 85.68 1.12 -22.98
CA PRO A 103 85.09 0.42 -21.84
C PRO A 103 83.67 -0.03 -22.15
N SER A 104 83.21 -1.03 -21.42
CA SER A 104 81.91 -1.64 -21.70
C SER A 104 81.29 -2.13 -20.40
N PHE A 105 79.95 -2.14 -20.36
CA PHE A 105 79.23 -2.66 -19.21
C PHE A 105 78.68 -4.05 -19.51
N PRO A 106 78.69 -4.96 -18.54
CA PRO A 106 78.09 -6.29 -18.80
C PRO A 106 76.61 -6.21 -19.14
N GLU A 107 75.89 -5.24 -18.57
CA GLU A 107 74.49 -5.00 -18.92
C GLU A 107 74.35 -3.62 -19.54
N PRO A 108 74.06 -3.50 -20.83
CA PRO A 108 73.80 -2.16 -21.39
C PRO A 108 72.49 -1.57 -20.92
N ASP A 109 71.56 -2.38 -20.43
CA ASP A 109 70.30 -1.91 -19.87
C ASP A 109 70.28 -2.28 -18.39
N LEU A 110 70.49 -1.27 -17.54
CA LEU A 110 70.61 -1.48 -16.11
C LEU A 110 69.39 -0.92 -15.39
N THR A 111 68.99 -1.61 -14.33
CA THR A 111 67.87 -1.18 -13.50
C THR A 111 68.24 -1.36 -12.04
N VAL A 112 68.09 -0.29 -11.25
CA VAL A 112 68.30 -0.34 -9.82
C VAL A 112 67.04 0.21 -9.15
N GLU A 113 66.68 -0.40 -8.03
CA GLU A 113 65.42 -0.10 -7.35
C GLU A 113 65.68 0.75 -6.10
N ILE A 114 64.86 1.77 -5.91
CA ILE A 114 64.99 2.70 -4.79
C ILE A 114 63.61 2.98 -4.22
N SER A 115 63.47 2.84 -2.91
CA SER A 115 62.22 3.21 -2.25
C SER A 115 62.02 4.71 -2.30
N GLU A 116 60.80 5.13 -2.62
CA GLU A 116 60.48 6.55 -2.54
C GLU A 116 60.68 7.11 -1.14
N SER A 117 60.89 6.25 -0.15
CA SER A 117 61.19 6.65 1.21
C SER A 117 62.68 6.64 1.51
N ALA A 118 63.51 6.73 0.47
CA ALA A 118 64.95 6.70 0.65
C ALA A 118 65.45 8.07 1.10
N THR A 119 66.38 8.07 2.04
CA THR A 119 66.94 9.30 2.57
C THR A 119 67.97 9.86 1.60
N PRO A 120 67.87 11.12 1.20
CA PRO A 120 68.98 11.73 0.44
C PRO A 120 70.30 11.56 1.18
N GLY A 121 71.38 11.50 0.41
CA GLY A 121 72.67 11.15 0.94
C GLY A 121 72.97 9.68 0.89
N THR A 122 71.92 8.86 0.75
CA THR A 122 72.11 7.44 0.54
C THR A 122 72.81 7.20 -0.79
N ARG A 123 73.70 6.20 -0.80
CA ARG A 123 74.41 5.82 -2.02
C ARG A 123 73.98 4.41 -2.45
N PHE A 124 74.01 4.19 -3.77
CA PHE A 124 73.51 2.97 -4.37
C PHE A 124 74.52 2.43 -5.37
N PRO A 125 75.20 1.32 -5.08
CA PRO A 125 76.30 0.87 -5.95
C PRO A 125 75.87 0.67 -7.39
N LEU A 126 76.86 0.57 -8.28
CA LEU A 126 76.59 0.47 -9.70
C LEU A 126 77.53 -0.52 -10.37
N GLU A 127 77.09 -1.02 -11.52
CA GLU A 127 77.91 -1.91 -12.33
C GLU A 127 79.19 -1.22 -12.73
N SER A 128 80.31 -1.91 -12.54
CA SER A 128 81.60 -1.38 -12.98
C SER A 128 81.84 -1.76 -14.44
N ALA A 129 82.36 -0.80 -15.20
CA ALA A 129 82.67 -1.02 -16.60
C ALA A 129 84.06 -1.63 -16.73
N PHE A 130 84.31 -2.27 -17.87
CA PHE A 130 85.55 -2.98 -18.11
C PHE A 130 86.17 -2.51 -19.42
N ASP A 131 87.44 -2.12 -19.35
CA ASP A 131 88.21 -1.68 -20.51
C ASP A 131 89.37 -2.65 -20.71
N PRO A 132 89.41 -3.43 -21.81
CA PRO A 132 90.47 -4.44 -21.92
C PRO A 132 91.87 -3.87 -22.06
N ASP A 133 92.00 -2.60 -22.45
CA ASP A 133 93.30 -1.98 -22.49
C ASP A 133 93.86 -1.84 -21.07
N VAL A 134 95.16 -1.50 -20.98
CA VAL A 134 95.86 -1.40 -19.71
C VAL A 134 96.36 0.02 -19.53
N GLY A 135 96.58 0.39 -18.27
CA GLY A 135 97.21 1.66 -17.96
C GLY A 135 96.35 2.84 -18.35
N THR A 136 96.99 3.85 -18.97
CA THR A 136 96.31 5.08 -19.30
C THR A 136 95.13 4.86 -20.24
N ASN A 137 95.08 3.73 -20.94
CA ASN A 137 94.00 3.45 -21.88
C ASN A 137 92.86 2.64 -21.28
N SER A 138 92.92 2.34 -19.97
CA SER A 138 91.86 1.60 -19.32
C SER A 138 90.80 2.56 -18.79
N LEU A 139 89.93 2.06 -17.92
CA LEU A 139 88.78 2.81 -17.45
C LEU A 139 89.20 4.08 -16.72
N ARG A 140 88.63 5.23 -17.13
CA ARG A 140 89.04 6.50 -16.55
C ARG A 140 87.95 7.25 -15.79
N ASP A 141 86.67 7.10 -16.12
CA ASP A 141 85.69 7.85 -15.34
C ASP A 141 84.27 7.47 -15.73
N TYR A 142 83.33 7.77 -14.85
CA TYR A 142 81.91 7.60 -15.11
C TYR A 142 81.24 8.96 -15.19
N GLU A 143 80.29 9.09 -16.10
CA GLU A 143 79.51 10.30 -16.25
C GLU A 143 78.03 9.93 -16.33
N ILE A 144 77.20 10.76 -15.72
CA ILE A 144 75.75 10.58 -15.77
C ILE A 144 75.16 11.86 -16.34
N THR A 145 74.05 11.71 -17.04
CA THR A 145 73.39 12.86 -17.62
C THR A 145 72.96 13.81 -16.51
N PRO A 146 73.20 15.11 -16.63
CA PRO A 146 72.87 16.02 -15.53
C PRO A 146 71.40 15.92 -15.14
N ASN A 147 71.15 15.91 -13.84
CA ASN A 147 69.80 15.81 -13.32
C ASN A 147 69.80 16.37 -11.90
N SER A 148 68.61 16.42 -11.30
CA SER A 148 68.46 16.92 -9.95
C SER A 148 68.51 15.80 -8.92
N TYR A 149 68.13 14.58 -9.30
CA TYR A 149 67.86 13.53 -8.33
C TYR A 149 69.12 12.77 -7.92
N PHE A 150 70.00 12.47 -8.88
CA PHE A 150 71.12 11.59 -8.61
C PHE A 150 72.42 12.23 -9.09
N SER A 151 73.48 11.97 -8.34
CA SER A 151 74.84 12.32 -8.74
C SER A 151 75.68 11.05 -8.72
N LEU A 152 76.87 11.13 -9.29
CA LEU A 152 77.79 10.00 -9.35
C LEU A 152 78.92 10.20 -8.36
N ASP A 153 79.21 9.15 -7.59
CA ASP A 153 80.37 9.10 -6.70
C ASP A 153 81.32 8.03 -7.24
N VAL A 154 82.43 8.45 -7.82
CA VAL A 154 83.44 7.53 -8.33
C VAL A 154 84.49 7.35 -7.25
N GLN A 155 84.82 6.08 -6.97
CA GLN A 155 85.80 5.73 -5.96
C GLN A 155 86.88 4.88 -6.60
N THR A 156 88.14 5.23 -6.36
CA THR A 156 89.29 4.44 -6.78
C THR A 156 89.90 3.78 -5.56
N GLN A 157 90.20 2.50 -5.66
CA GLN A 157 90.58 1.66 -4.53
C GLN A 157 92.08 1.38 -4.49
N GLY A 158 92.90 2.23 -5.09
CA GLY A 158 94.15 1.66 -5.48
C GLY A 158 93.79 0.57 -6.48
N ASP A 159 94.70 -0.37 -6.68
CA ASP A 159 94.45 -1.50 -7.56
C ASP A 159 94.06 -1.04 -8.97
N GLY A 160 94.25 0.24 -9.28
CA GLY A 160 93.88 0.80 -10.56
C GLY A 160 92.46 0.48 -11.00
N ASN A 161 91.57 0.23 -10.05
CA ASN A 161 90.19 -0.16 -10.35
C ASN A 161 89.27 0.97 -9.93
N ARG A 162 88.36 1.35 -10.83
CA ARG A 162 87.43 2.45 -10.60
C ARG A 162 86.01 1.95 -10.80
N PHE A 163 85.26 1.93 -9.72
CA PHE A 163 83.87 1.51 -9.72
C PHE A 163 82.98 2.67 -9.27
N ALA A 164 81.70 2.60 -9.62
CA ALA A 164 80.82 3.73 -9.53
C ALA A 164 79.84 3.60 -8.38
N GLU A 165 79.08 4.68 -8.18
CA GLU A 165 78.05 4.73 -7.15
C GLU A 165 77.04 5.82 -7.51
N LEU A 166 75.80 5.59 -7.11
CA LEU A 166 74.74 6.59 -7.22
C LEU A 166 74.60 7.30 -5.88
N VAL A 167 74.19 8.56 -5.95
CA VAL A 167 73.93 9.34 -4.74
C VAL A 167 72.58 10.02 -4.94
N LEU A 168 71.62 9.64 -4.10
CA LEU A 168 70.31 10.28 -4.09
C LEU A 168 70.45 11.67 -3.48
N GLU A 169 70.15 12.70 -4.26
CA GLU A 169 70.34 14.08 -3.80
C GLU A 169 69.08 14.68 -3.20
N LYS A 170 67.91 14.35 -3.72
CA LYS A 170 66.64 14.88 -3.25
C LYS A 170 65.67 13.74 -3.01
N PRO A 171 64.66 13.95 -2.16
CA PRO A 171 63.68 12.88 -1.91
C PRO A 171 62.90 12.52 -3.16
N LEU A 172 62.59 11.23 -3.30
CA LEU A 172 61.81 10.73 -4.41
C LEU A 172 60.33 10.66 -4.05
N ASP A 173 59.49 10.78 -5.07
CA ASP A 173 58.05 10.59 -4.92
C ASP A 173 57.59 9.70 -6.07
N ARG A 174 57.24 8.46 -5.76
CA ARG A 174 56.76 7.54 -6.79
C ARG A 174 55.44 8.03 -7.37
N GLU A 175 54.64 8.75 -6.57
CA GLU A 175 53.36 9.23 -7.05
C GLU A 175 53.50 10.33 -8.10
N GLN A 176 54.67 10.94 -8.23
CA GLN A 176 54.92 11.94 -9.26
C GLN A 176 55.63 11.35 -10.48
N GLN A 177 56.65 10.53 -10.25
CA GLN A 177 57.34 9.85 -11.34
C GLN A 177 57.94 8.57 -10.78
N ALA A 178 57.45 7.42 -11.24
CA ALA A 178 57.87 6.13 -10.72
C ALA A 178 59.03 5.51 -11.48
N VAL A 179 59.34 6.01 -12.68
CA VAL A 179 60.41 5.49 -13.51
C VAL A 179 61.31 6.65 -13.90
N HIS A 180 62.60 6.53 -13.63
CA HIS A 180 63.58 7.51 -14.08
C HIS A 180 64.50 6.87 -15.11
N ARG A 181 64.87 7.64 -16.13
CA ARG A 181 65.70 7.13 -17.22
C ARG A 181 66.86 8.08 -17.42
N TYR A 182 68.07 7.57 -17.21
CA TYR A 182 69.29 8.35 -17.40
C TYR A 182 70.27 7.56 -18.26
N VAL A 183 71.23 8.28 -18.83
CA VAL A 183 72.29 7.65 -19.61
C VAL A 183 73.55 7.60 -18.75
N LEU A 184 74.15 6.43 -18.66
CA LEU A 184 75.36 6.21 -17.89
C LEU A 184 76.51 5.94 -18.85
N THR A 185 77.59 6.70 -18.74
CA THR A 185 78.74 6.53 -19.61
C THR A 185 79.99 6.25 -18.80
N ALA A 186 80.94 5.56 -19.44
CA ALA A 186 82.25 5.34 -18.87
C ALA A 186 83.28 5.62 -19.94
N VAL A 187 84.28 6.43 -19.61
CA VAL A 187 85.29 6.88 -20.56
C VAL A 187 86.66 6.41 -20.09
N ASP A 188 87.56 6.17 -21.04
CA ASP A 188 88.91 5.74 -20.73
C ASP A 188 89.86 6.95 -20.85
N GLY A 189 91.15 6.69 -20.69
CA GLY A 189 92.13 7.76 -20.67
C GLY A 189 92.90 7.94 -21.97
N GLY A 190 92.19 7.88 -23.09
CA GLY A 190 92.82 8.05 -24.39
C GLY A 190 92.87 9.49 -24.85
N GLY A 191 94.02 10.14 -24.65
CA GLY A 191 94.19 11.52 -25.07
C GLY A 191 95.50 11.78 -25.80
N PRO A 209 96.43 8.41 -34.10
CA PRO A 209 95.30 9.13 -33.49
C PRO A 209 94.89 8.58 -32.12
N GLN A 210 95.63 8.96 -31.09
CA GLN A 210 95.29 8.59 -29.71
C GLN A 210 94.14 9.46 -29.25
N GLN A 211 92.93 8.90 -29.23
CA GLN A 211 91.75 9.64 -28.81
C GLN A 211 90.90 8.75 -27.90
N GLN A 212 89.96 9.38 -27.22
CA GLN A 212 89.21 8.72 -26.16
C GLN A 212 88.09 7.86 -26.72
N ARG A 213 87.77 6.79 -25.99
CA ARG A 213 86.67 5.91 -26.32
C ARG A 213 85.69 5.87 -25.16
N THR A 214 84.42 5.65 -25.47
CA THR A 214 83.35 5.76 -24.49
C THR A 214 82.41 4.57 -24.58
N GLY A 215 81.94 4.12 -23.42
CA GLY A 215 80.97 3.04 -23.32
C GLY A 215 79.72 3.52 -22.61
N THR A 216 78.61 2.80 -22.81
CA THR A 216 77.30 3.26 -22.37
C THR A 216 76.54 2.13 -21.68
N ALA A 217 75.69 2.52 -20.74
CA ALA A 217 74.67 1.67 -20.15
C ALA A 217 73.46 2.54 -19.86
N LEU A 218 72.29 2.11 -20.31
CA LEU A 218 71.06 2.84 -20.05
C LEU A 218 70.54 2.50 -18.67
N LEU A 219 70.27 3.52 -17.87
CA LEU A 219 69.96 3.37 -16.46
C LEU A 219 68.49 3.67 -16.21
N THR A 220 67.82 2.77 -15.50
CA THR A 220 66.41 2.91 -15.17
C THR A 220 66.24 2.76 -13.68
N ILE A 221 65.69 3.79 -13.04
CA ILE A 221 65.36 3.74 -11.62
C ILE A 221 63.90 3.35 -11.50
N ARG A 222 63.67 2.18 -10.90
CA ARG A 222 62.36 1.85 -10.36
C ARG A 222 62.22 2.52 -9.00
N VAL A 223 61.13 3.25 -8.81
CA VAL A 223 60.86 3.91 -7.55
C VAL A 223 59.85 3.05 -6.79
N LEU A 224 60.31 2.46 -5.70
CA LEU A 224 59.47 1.57 -4.92
C LEU A 224 58.47 2.37 -4.10
N ASP A 225 57.30 1.78 -3.90
CA ASP A 225 56.22 2.42 -3.17
C ASP A 225 56.30 2.11 -1.69
N SER A 226 55.63 2.96 -0.90
CA SER A 226 55.38 2.68 0.51
C SER A 226 54.08 3.37 0.89
N ASN A 227 53.39 2.79 1.87
CA ASN A 227 52.06 3.27 2.24
C ASN A 227 52.15 4.65 2.87
N ASP A 228 52.53 5.67 2.09
CA ASP A 228 52.65 7.02 2.59
C ASP A 228 51.45 7.90 2.24
N ASN A 229 50.38 7.32 1.70
CA ASN A 229 49.12 8.01 1.50
C ASN A 229 48.00 7.22 2.14
N VAL A 230 47.06 7.93 2.77
CA VAL A 230 45.90 7.31 3.40
C VAL A 230 44.67 7.56 2.53
N PRO A 231 43.66 6.70 2.57
CA PRO A 231 42.43 6.95 1.81
C PRO A 231 41.80 8.27 2.23
N ALA A 232 41.23 8.98 1.25
CA ALA A 232 40.73 10.33 1.47
C ALA A 232 39.32 10.46 0.91
N PHE A 233 38.37 10.83 1.77
CA PHE A 233 37.03 11.22 1.34
C PHE A 233 37.03 12.70 0.95
N ASP A 234 36.41 13.01 -0.18
CA ASP A 234 36.37 14.41 -0.63
C ASP A 234 35.45 15.29 0.23
N GLN A 235 34.76 14.71 1.21
CA GLN A 235 33.96 15.45 2.18
C GLN A 235 34.00 14.69 3.49
N PRO A 236 33.97 15.39 4.64
CA PRO A 236 33.90 14.68 5.91
C PRO A 236 32.50 14.21 6.25
N VAL A 237 31.47 14.83 5.67
CA VAL A 237 30.08 14.45 5.92
C VAL A 237 29.31 14.54 4.61
N TYR A 238 28.55 13.49 4.30
CA TYR A 238 27.68 13.45 3.13
C TYR A 238 26.24 13.41 3.60
N THR A 239 25.36 14.05 2.83
CA THR A 239 23.94 14.13 3.18
C THR A 239 23.11 13.77 1.96
N VAL A 240 22.24 12.79 2.12
CA VAL A 240 21.37 12.31 1.05
C VAL A 240 19.97 12.15 1.62
N SER A 241 18.97 12.57 0.85
CA SER A 241 17.57 12.45 1.25
C SER A 241 16.89 11.39 0.40
N LEU A 242 16.21 10.45 1.06
CA LEU A 242 15.51 9.37 0.39
C LEU A 242 14.05 9.34 0.82
N PRO A 243 13.15 8.91 -0.05
CA PRO A 243 11.77 8.66 0.38
C PRO A 243 11.68 7.42 1.25
N GLU A 244 10.83 7.49 2.27
CA GLU A 244 10.60 6.32 3.08
C GLU A 244 10.03 5.19 2.21
N ASN A 245 10.12 3.97 2.73
CA ASN A 245 9.70 2.79 1.98
C ASN A 245 10.49 2.63 0.69
N SER A 246 11.68 3.19 0.63
CA SER A 246 12.54 2.98 -0.52
C SER A 246 12.87 1.49 -0.63
N PRO A 247 12.81 0.91 -1.82
CA PRO A 247 13.05 -0.53 -1.96
C PRO A 247 14.46 -0.90 -1.54
N PRO A 248 14.64 -1.96 -0.76
CA PRO A 248 16.00 -2.43 -0.47
C PRO A 248 16.80 -2.58 -1.75
N GLY A 249 18.10 -2.29 -1.66
CA GLY A 249 18.94 -2.16 -2.83
C GLY A 249 19.00 -0.75 -3.40
N THR A 250 18.17 0.15 -2.91
CA THR A 250 18.21 1.54 -3.37
C THR A 250 19.56 2.16 -3.06
N LEU A 251 20.11 2.86 -4.04
CA LEU A 251 21.41 3.52 -3.89
C LEU A 251 21.29 4.67 -2.90
N VAL A 252 21.95 4.55 -1.74
CA VAL A 252 22.06 5.68 -0.84
C VAL A 252 23.16 6.62 -1.31
N ILE A 253 24.38 6.09 -1.50
CA ILE A 253 25.50 6.90 -1.97
C ILE A 253 26.65 5.99 -2.37
N GLN A 254 27.44 6.41 -3.36
CA GLN A 254 28.59 5.65 -3.85
C GLN A 254 29.87 6.27 -3.27
N LEU A 255 30.23 5.83 -2.06
CA LEU A 255 31.38 6.42 -1.38
C LEU A 255 32.66 6.16 -2.18
N ASN A 256 33.69 6.93 -1.84
CA ASN A 256 34.89 7.01 -2.66
C ASN A 256 36.03 7.52 -1.80
N ALA A 257 37.00 6.67 -1.51
CA ALA A 257 38.16 7.01 -0.69
C ALA A 257 39.40 6.83 -1.56
N THR A 258 40.03 7.94 -1.95
CA THR A 258 41.11 7.90 -2.92
C THR A 258 42.44 7.59 -2.23
N ASP A 259 43.22 6.71 -2.87
CA ASP A 259 44.53 6.30 -2.37
C ASP A 259 45.40 6.06 -3.59
N PRO A 260 46.26 7.02 -3.96
CA PRO A 260 47.05 6.88 -5.19
C PRO A 260 48.22 5.92 -5.08
N ASP A 261 48.37 5.21 -3.96
CA ASP A 261 49.48 4.29 -3.79
C ASP A 261 49.34 3.12 -4.77
N GLU A 262 50.41 2.34 -4.86
CA GLU A 262 50.51 1.24 -5.81
C GLU A 262 50.09 -0.07 -5.14
N GLY A 263 49.38 -0.91 -5.90
CA GLY A 263 49.08 -2.26 -5.44
C GLY A 263 48.18 -2.27 -4.22
N GLN A 264 48.47 -3.20 -3.31
CA GLN A 264 47.66 -3.35 -2.09
C GLN A 264 47.73 -2.11 -1.22
N ASN A 265 48.83 -1.35 -1.30
CA ASN A 265 48.92 -0.09 -0.58
C ASN A 265 47.88 0.91 -1.06
N GLY A 266 47.45 0.77 -2.32
CA GLY A 266 46.43 1.62 -2.91
C GLY A 266 45.04 1.04 -2.96
N GLU A 267 44.85 -0.20 -2.52
CA GLU A 267 43.52 -0.81 -2.50
C GLU A 267 42.81 -0.42 -1.21
N VAL A 268 41.58 0.04 -1.34
CA VAL A 268 40.78 0.53 -0.22
C VAL A 268 39.63 -0.42 0.03
N VAL A 269 39.24 -0.51 1.31
CA VAL A 269 38.08 -1.29 1.74
C VAL A 269 37.31 -0.47 2.75
N TYR A 270 35.98 -0.46 2.61
CA TYR A 270 35.09 0.33 3.44
C TYR A 270 34.35 -0.55 4.43
N SER A 271 34.02 0.04 5.58
CA SER A 271 33.27 -0.69 6.60
C SER A 271 32.57 0.33 7.49
N PHE A 272 31.70 -0.18 8.36
CA PHE A 272 31.01 0.66 9.33
C PHE A 272 31.88 0.81 10.57
N SER A 273 32.06 2.07 11.00
CA SER A 273 32.75 2.32 12.26
C SER A 273 31.85 1.91 13.42
N SER A 274 32.48 1.50 14.52
CA SER A 274 31.73 1.07 15.70
C SER A 274 30.94 2.21 16.33
N HIS A 275 31.10 3.44 15.85
CA HIS A 275 30.27 4.54 16.32
C HIS A 275 28.82 4.43 15.86
N ILE A 276 28.56 3.60 14.83
CA ILE A 276 27.26 3.61 14.18
C ILE A 276 26.22 2.97 15.09
N SER A 277 24.98 3.45 14.98
CA SER A 277 23.89 2.84 15.72
C SER A 277 23.57 1.46 15.15
N PRO A 278 23.22 0.49 15.99
CA PRO A 278 22.87 -0.84 15.45
C PRO A 278 21.69 -0.79 14.48
N ARG A 279 20.73 0.10 14.71
CA ARG A 279 19.59 0.21 13.80
C ARG A 279 20.06 0.54 12.39
N ALA A 280 20.92 1.56 12.25
CA ALA A 280 21.45 1.91 10.94
C ALA A 280 22.25 0.76 10.33
N ARG A 281 22.94 -0.02 11.17
CA ARG A 281 23.64 -1.19 10.67
C ARG A 281 22.65 -2.19 10.08
N GLU A 282 21.48 -2.33 10.70
CA GLU A 282 20.46 -3.21 10.15
C GLU A 282 19.91 -2.67 8.83
N LEU A 283 19.60 -1.38 8.77
CA LEU A 283 18.87 -0.82 7.65
C LEU A 283 19.75 -0.50 6.44
N PHE A 284 21.07 -0.55 6.58
CA PHE A 284 21.97 -0.14 5.51
C PHE A 284 23.03 -1.20 5.25
N GLY A 285 23.37 -1.37 3.98
CA GLY A 285 24.44 -2.27 3.58
C GLY A 285 25.47 -1.54 2.75
N LEU A 286 26.73 -1.89 2.97
CA LEU A 286 27.86 -1.21 2.34
C LEU A 286 28.85 -2.24 1.80
N SER A 287 28.95 -2.32 0.49
CA SER A 287 29.82 -3.32 -0.15
C SER A 287 31.28 -2.97 0.09
N PRO A 288 32.02 -3.73 0.90
CA PRO A 288 33.35 -3.27 1.33
C PRO A 288 34.34 -2.97 0.22
N ARG A 289 34.08 -3.36 -1.02
CA ARG A 289 35.06 -3.18 -2.09
C ARG A 289 34.67 -2.12 -3.11
N THR A 290 33.38 -1.95 -3.41
CA THR A 290 32.93 -0.86 -4.28
C THR A 290 32.67 0.41 -3.50
N GLY A 291 32.40 0.31 -2.19
CA GLY A 291 31.99 1.46 -1.42
C GLY A 291 30.56 1.87 -1.65
N ARG A 292 29.74 1.00 -2.21
CA ARG A 292 28.35 1.34 -2.51
C ARG A 292 27.50 1.15 -1.25
N LEU A 293 26.84 2.23 -0.84
CA LEU A 293 25.94 2.22 0.31
C LEU A 293 24.51 2.23 -0.20
N GLU A 294 23.77 1.17 0.14
CA GLU A 294 22.41 0.96 -0.31
C GLU A 294 21.53 0.61 0.89
N VAL A 295 20.22 0.68 0.66
CA VAL A 295 19.23 0.33 1.68
C VAL A 295 19.08 -1.17 1.74
N SER A 296 19.12 -1.74 2.95
CA SER A 296 18.92 -3.16 3.17
C SER A 296 17.81 -3.41 4.19
N GLY A 297 16.91 -2.46 4.36
CA GLY A 297 15.76 -2.63 5.22
C GLY A 297 14.65 -1.70 4.78
N GLU A 298 13.70 -1.46 5.68
CA GLU A 298 12.60 -0.53 5.41
C GLU A 298 12.87 0.78 6.13
N LEU A 299 12.92 1.87 5.36
CA LEU A 299 13.03 3.21 5.92
C LEU A 299 11.64 3.66 6.34
N ASP A 300 11.38 3.63 7.64
CA ASP A 300 10.08 4.00 8.20
C ASP A 300 10.22 5.40 8.79
N TYR A 301 9.74 6.41 8.06
CA TYR A 301 9.76 7.78 8.56
C TYR A 301 9.13 7.86 9.95
N GLU A 302 8.12 7.03 10.22
CA GLU A 302 7.44 7.07 11.51
C GLU A 302 8.31 6.53 12.65
N GLU A 303 9.37 5.79 12.33
CA GLU A 303 10.28 5.30 13.36
C GLU A 303 11.43 6.27 13.61
N SER A 304 12.01 6.86 12.56
CA SER A 304 13.02 7.88 12.70
C SER A 304 13.17 8.60 11.37
N PRO A 305 13.33 9.93 11.36
CA PRO A 305 13.35 10.67 10.09
C PRO A 305 14.73 10.83 9.47
N VAL A 306 15.79 10.53 10.22
CA VAL A 306 17.15 10.78 9.76
C VAL A 306 18.08 9.81 10.46
N TYR A 307 19.07 9.32 9.71
CA TYR A 307 19.99 8.29 10.20
C TYR A 307 21.43 8.72 9.98
N GLN A 308 22.29 8.26 10.87
CA GLN A 308 23.72 8.56 10.84
C GLN A 308 24.48 7.28 10.50
N VAL A 309 25.31 7.35 9.46
CA VAL A 309 26.13 6.22 9.02
C VAL A 309 27.58 6.62 9.19
N TYR A 310 28.28 5.94 10.10
CA TYR A 310 29.69 6.22 10.38
C TYR A 310 30.54 5.23 9.60
N VAL A 311 31.15 5.71 8.51
CA VAL A 311 31.92 4.86 7.62
C VAL A 311 33.41 5.11 7.85
N GLN A 312 34.19 4.05 7.67
CA GLN A 312 35.65 4.14 7.71
C GLN A 312 36.24 3.36 6.54
N ALA A 313 37.18 3.98 5.84
CA ALA A 313 37.92 3.33 4.78
C ALA A 313 39.32 2.98 5.27
N LYS A 314 39.94 2.00 4.63
CA LYS A 314 41.25 1.53 5.06
C LYS A 314 41.98 0.91 3.88
N ASP A 315 43.24 1.28 3.68
CA ASP A 315 44.00 0.67 2.62
C ASP A 315 44.63 -0.63 3.10
N LEU A 316 44.92 -1.51 2.14
CA LEU A 316 45.36 -2.87 2.45
C LEU A 316 46.88 -2.97 2.54
N GLY A 317 47.58 -1.86 2.69
CA GLY A 317 49.01 -1.88 2.86
C GLY A 317 49.39 -2.02 4.32
N PRO A 318 50.68 -2.21 4.60
CA PRO A 318 51.13 -2.27 5.99
C PRO A 318 51.04 -0.91 6.65
N ASN A 319 50.90 -0.94 7.99
CA ASN A 319 50.75 0.29 8.76
C ASN A 319 49.60 1.13 8.23
N ALA A 320 48.55 0.47 7.77
CA ALA A 320 47.37 1.16 7.27
C ALA A 320 46.74 1.99 8.37
N VAL A 321 46.31 3.20 8.02
CA VAL A 321 45.66 4.11 8.95
C VAL A 321 44.24 4.37 8.44
N PRO A 322 43.21 4.15 9.25
CA PRO A 322 41.84 4.29 8.75
C PRO A 322 41.42 5.75 8.58
N ALA A 323 40.70 6.01 7.50
CA ALA A 323 40.02 7.27 7.29
C ALA A 323 38.55 7.12 7.65
N HIS A 324 37.89 8.25 7.88
CA HIS A 324 36.51 8.26 8.33
C HIS A 324 35.67 9.22 7.49
N CYS A 325 34.36 9.01 7.55
CA CYS A 325 33.39 9.96 7.02
C CYS A 325 32.03 9.57 7.59
N LYS A 326 31.03 10.42 7.32
CA LYS A 326 29.70 10.24 7.89
C LYS A 326 28.64 10.60 6.85
N VAL A 327 27.72 9.68 6.60
CA VAL A 327 26.62 9.88 5.67
C VAL A 327 25.35 10.08 6.47
N LEU A 328 24.66 11.19 6.23
CA LEU A 328 23.40 11.50 6.90
C LEU A 328 22.26 11.27 5.93
N VAL A 329 21.39 10.33 6.26
CA VAL A 329 20.26 9.95 5.42
C VAL A 329 19.02 10.63 5.98
N ARG A 330 18.49 11.61 5.25
CA ARG A 330 17.24 12.25 5.61
C ARG A 330 16.10 11.49 4.95
N VAL A 331 15.17 10.98 5.75
CA VAL A 331 14.05 10.20 5.24
C VAL A 331 12.91 11.15 4.93
N LEU A 332 12.45 11.14 3.67
CA LEU A 332 11.29 11.93 3.29
C LEU A 332 10.01 11.18 3.63
N ASP A 333 9.05 11.91 4.21
CA ASP A 333 7.78 11.31 4.59
C ASP A 333 6.90 11.12 3.37
N ALA A 334 6.28 9.94 3.27
CA ALA A 334 5.33 9.64 2.22
C ALA A 334 4.02 9.15 2.84
N ASN A 335 2.93 9.39 2.13
CA ASN A 335 1.60 9.08 2.66
C ASN A 335 1.39 7.58 2.70
N ASP A 336 1.82 6.93 3.79
CA ASP A 336 1.74 5.48 3.92
C ASP A 336 1.02 5.05 5.19
N ASN A 337 0.25 5.94 5.82
CA ASN A 337 -0.57 5.61 6.98
C ASN A 337 -1.96 6.16 6.77
N ALA A 338 -2.94 5.27 6.68
CA ALA A 338 -4.33 5.67 6.48
C ALA A 338 -4.97 6.07 7.81
N PRO A 339 -5.83 7.08 7.81
CA PRO A 339 -6.38 7.56 9.09
C PRO A 339 -7.20 6.49 9.80
N GLU A 340 -7.06 6.44 11.12
CA GLU A 340 -7.77 5.50 11.97
C GLU A 340 -8.84 6.24 12.75
N ILE A 341 -10.06 5.69 12.76
CA ILE A 341 -11.20 6.26 13.44
C ILE A 341 -11.48 5.44 14.69
N SER A 342 -11.75 6.13 15.80
CA SER A 342 -11.94 5.47 17.09
C SER A 342 -13.05 6.20 17.85
N PHE A 343 -14.19 5.54 18.01
CA PHE A 343 -15.32 6.13 18.72
C PHE A 343 -15.10 6.05 20.23
N SER A 344 -15.22 7.21 20.89
CA SER A 344 -15.08 7.23 22.34
C SER A 344 -16.22 6.45 22.99
N THR A 345 -17.45 6.89 22.78
CA THR A 345 -18.63 6.16 23.25
C THR A 345 -19.78 6.45 22.30
N VAL A 346 -20.60 5.43 22.07
CA VAL A 346 -21.77 5.52 21.20
C VAL A 346 -22.97 4.99 21.96
N LYS A 347 -24.14 5.51 21.62
CA LYS A 347 -25.40 5.02 22.17
C LYS A 347 -26.37 4.75 21.03
N GLU A 348 -27.13 3.67 21.15
CA GLU A 348 -28.19 3.37 20.19
C GLU A 348 -29.54 3.91 20.63
N ALA A 349 -29.68 4.28 21.91
CA ALA A 349 -30.96 4.72 22.46
C ALA A 349 -31.12 6.21 22.17
N VAL A 350 -31.91 6.53 21.15
CA VAL A 350 -32.26 7.92 20.84
C VAL A 350 -33.78 7.99 20.68
N SER A 351 -34.41 8.83 21.49
CA SER A 351 -35.84 9.06 21.38
C SER A 351 -36.16 9.82 20.10
N GLU A 352 -37.39 9.64 19.59
CA GLU A 352 -37.81 10.39 18.42
C GLU A 352 -37.98 11.87 18.76
N GLY A 353 -38.48 12.17 19.95
CA GLY A 353 -38.69 13.54 20.39
C GLY A 353 -37.46 14.26 20.88
N ALA A 354 -36.28 13.64 20.78
CA ALA A 354 -35.05 14.31 21.16
C ALA A 354 -34.73 15.41 20.15
N ALA A 355 -34.72 16.66 20.61
CA ALA A 355 -34.63 17.79 19.72
C ALA A 355 -33.33 17.76 18.93
N PRO A 356 -33.25 18.53 17.84
CA PRO A 356 -31.98 18.68 17.14
C PRO A 356 -30.86 19.08 18.08
N GLY A 357 -29.66 18.59 17.80
CA GLY A 357 -28.49 18.89 18.58
C GLY A 357 -28.17 17.88 19.67
N THR A 358 -29.04 16.89 19.89
CA THR A 358 -28.78 15.89 20.92
C THR A 358 -27.64 14.98 20.47
N VAL A 359 -26.69 14.76 21.36
CA VAL A 359 -25.46 14.05 21.01
C VAL A 359 -25.73 12.56 20.98
N VAL A 360 -25.18 11.88 19.96
CA VAL A 360 -25.40 10.47 19.75
C VAL A 360 -24.10 9.67 19.88
N ALA A 361 -22.98 10.25 19.46
CA ALA A 361 -21.72 9.53 19.48
C ALA A 361 -20.55 10.51 19.49
N LEU A 362 -19.43 10.04 20.03
CA LEU A 362 -18.17 10.75 20.05
C LEU A 362 -17.10 9.90 19.39
N PHE A 363 -16.19 10.54 18.66
CA PHE A 363 -15.06 9.80 18.11
C PHE A 363 -13.90 10.76 17.87
N SER A 364 -12.73 10.15 17.62
CA SER A 364 -11.52 10.86 17.32
C SER A 364 -10.81 10.15 16.17
N VAL A 365 -10.03 10.91 15.40
CA VAL A 365 -9.33 10.38 14.23
C VAL A 365 -7.84 10.64 14.40
N THR A 366 -7.03 9.74 13.84
CA THR A 366 -5.58 9.90 13.86
C THR A 366 -5.02 9.58 12.49
N ASP A 367 -3.82 10.11 12.22
CA ASP A 367 -3.05 9.73 11.04
C ASP A 367 -1.58 9.85 11.45
N ARG A 368 -0.91 8.71 11.63
CA ARG A 368 0.44 8.70 12.16
C ARG A 368 1.47 9.27 11.19
N ASP A 369 1.06 9.75 10.02
CA ASP A 369 1.95 10.46 9.12
C ASP A 369 2.25 11.85 9.69
N SER A 370 2.89 12.69 8.88
CA SER A 370 3.23 14.04 9.27
C SER A 370 2.97 14.96 8.09
N GLU A 371 3.12 16.26 8.33
CA GLU A 371 2.98 17.28 7.28
C GLU A 371 1.55 17.18 6.73
N GLU A 372 1.35 17.31 5.41
CA GLU A 372 0.02 17.22 4.82
C GLU A 372 -0.48 15.79 4.77
N ASN A 373 0.42 14.80 4.89
CA ASN A 373 -0.01 13.40 4.88
C ASN A 373 -0.74 13.04 6.16
N GLY A 374 -0.59 13.82 7.22
CA GLY A 374 -1.18 13.54 8.51
C GLY A 374 -2.40 14.36 8.86
N GLN A 375 -2.89 15.21 7.95
CA GLN A 375 -4.09 16.00 8.20
C GLN A 375 -5.32 15.23 7.72
N VAL A 376 -6.33 15.15 8.57
CA VAL A 376 -7.53 14.34 8.31
C VAL A 376 -8.74 15.25 8.23
N GLN A 377 -9.62 14.95 7.26
CA GLN A 377 -10.90 15.63 7.09
C GLN A 377 -12.00 14.58 7.02
N CYS A 378 -13.15 14.89 7.61
CA CYS A 378 -14.20 13.90 7.82
C CYS A 378 -15.47 14.27 7.08
N GLU A 379 -16.20 13.24 6.64
CA GLU A 379 -17.51 13.39 6.05
C GLU A 379 -18.44 12.31 6.58
N LEU A 380 -19.71 12.66 6.78
CA LEU A 380 -20.72 11.70 7.19
C LEU A 380 -21.52 11.27 5.97
N LEU A 381 -21.70 9.96 5.82
CA LEU A 381 -22.32 9.39 4.62
C LEU A 381 -23.79 9.08 4.91
N GLY A 382 -24.67 9.53 4.01
CA GLY A 382 -26.07 9.12 4.08
C GLY A 382 -27.09 10.17 3.70
N ASP A 383 -26.76 11.45 3.83
CA ASP A 383 -27.74 12.52 3.67
C ASP A 383 -28.93 12.26 4.59
N VAL A 384 -28.62 12.20 5.89
CA VAL A 384 -29.50 11.67 6.92
C VAL A 384 -29.68 12.72 8.01
N PRO A 385 -30.54 12.49 9.04
CA PRO A 385 -30.82 13.58 9.99
C PRO A 385 -29.77 13.73 11.09
N PHE A 386 -28.49 13.65 10.73
CA PHE A 386 -27.42 13.85 11.69
C PHE A 386 -26.32 14.71 11.07
N ARG A 387 -25.70 15.54 11.89
CA ARG A 387 -24.58 16.37 11.48
C ARG A 387 -23.36 16.05 12.31
N LEU A 388 -22.20 16.37 11.76
CA LEU A 388 -20.92 16.27 12.45
C LEU A 388 -20.54 17.65 12.98
N LYS A 389 -20.15 17.71 14.24
CA LYS A 389 -19.70 18.95 14.87
C LYS A 389 -18.33 18.72 15.48
N SER A 390 -17.45 19.72 15.35
CA SER A 390 -16.08 19.60 15.81
C SER A 390 -15.70 20.86 16.56
N SER A 391 -15.31 20.72 17.83
CA SER A 391 -14.77 21.82 18.61
C SER A 391 -13.25 21.90 18.42
N PHE A 392 -12.53 20.87 18.87
CA PHE A 392 -11.13 20.69 18.53
C PHE A 392 -11.03 19.80 17.30
N LYS A 393 -10.14 20.15 16.38
CA LYS A 393 -10.01 19.37 15.17
C LYS A 393 -9.55 17.95 15.52
N ASN A 394 -10.09 16.98 14.78
CA ASN A 394 -9.83 15.55 14.94
C ASN A 394 -10.60 14.98 16.13
N TYR A 395 -11.38 15.78 16.86
CA TYR A 395 -12.30 15.29 17.87
C TYR A 395 -13.70 15.72 17.45
N TYR A 396 -14.59 14.74 17.27
CA TYR A 396 -15.87 14.98 16.63
C TYR A 396 -17.02 14.48 17.48
N THR A 397 -18.20 15.05 17.20
CA THR A 397 -19.47 14.66 17.78
C THR A 397 -20.46 14.44 16.64
N ILE A 398 -21.29 13.42 16.78
CA ILE A 398 -22.42 13.20 15.87
C ILE A 398 -23.67 13.63 16.61
N VAL A 399 -24.42 14.57 16.03
CA VAL A 399 -25.59 15.14 16.68
C VAL A 399 -26.78 15.05 15.75
N THR A 400 -27.96 15.25 16.31
CA THR A 400 -29.20 15.26 15.54
C THR A 400 -29.32 16.58 14.77
N GLU A 401 -29.66 16.47 13.49
CA GLU A 401 -29.89 17.63 12.62
C GLU A 401 -31.32 18.11 12.73
N ALA A 402 -32.27 17.23 12.50
CA ALA A 402 -33.69 17.53 12.50
C ALA A 402 -34.40 16.63 13.51
N PRO A 403 -35.62 16.99 13.91
CA PRO A 403 -36.37 16.11 14.81
C PRO A 403 -36.56 14.73 14.19
N LEU A 404 -36.61 13.72 15.05
CA LEU A 404 -36.74 12.33 14.62
C LEU A 404 -38.16 11.84 14.79
N ASP A 405 -38.55 10.91 13.92
CA ASP A 405 -39.88 10.30 13.96
C ASP A 405 -39.69 8.79 13.85
N ARG A 406 -39.85 8.08 14.97
CA ARG A 406 -39.69 6.63 14.95
C ARG A 406 -40.67 5.98 13.99
N GLU A 407 -41.85 6.58 13.81
CA GLU A 407 -42.83 6.05 12.87
C GLU A 407 -42.38 6.18 11.42
N ALA A 408 -41.38 7.02 11.15
CA ALA A 408 -40.82 7.15 9.81
C ALA A 408 -39.44 6.52 9.67
N GLY A 409 -38.67 6.43 10.75
CA GLY A 409 -37.35 5.83 10.71
C GLY A 409 -37.14 4.81 11.81
N ASP A 410 -36.95 3.55 11.41
CA ASP A 410 -36.79 2.47 12.37
C ASP A 410 -35.40 2.52 13.00
N SER A 411 -34.36 2.44 12.17
CA SER A 411 -32.98 2.50 12.62
C SER A 411 -32.21 3.38 11.63
N TYR A 412 -30.91 3.48 11.84
CA TYR A 412 -30.05 4.25 10.93
C TYR A 412 -28.65 3.67 10.93
N THR A 413 -27.98 3.79 9.79
CA THR A 413 -26.60 3.32 9.64
C THR A 413 -25.75 4.51 9.23
N LEU A 414 -25.03 5.08 10.19
CA LEU A 414 -24.16 6.23 9.96
C LEU A 414 -22.74 5.73 9.73
N THR A 415 -22.20 6.03 8.56
CA THR A 415 -20.82 5.67 8.22
C THR A 415 -20.02 6.95 8.06
N VAL A 416 -18.99 7.10 8.89
CA VAL A 416 -18.07 8.23 8.80
C VAL A 416 -16.91 7.82 7.91
N VAL A 417 -16.43 8.78 7.12
CA VAL A 417 -15.31 8.58 6.20
C VAL A 417 -14.27 9.65 6.52
N ALA A 418 -13.11 9.21 7.01
CA ALA A 418 -11.99 10.09 7.27
C ALA A 418 -10.97 9.94 6.14
N ARG A 419 -10.46 11.07 5.65
CA ARG A 419 -9.60 11.08 4.47
C ARG A 419 -8.49 12.10 4.69
N ASP A 420 -7.25 11.70 4.42
CA ASP A 420 -6.13 12.59 4.66
C ASP A 420 -5.84 13.42 3.41
N ARG A 421 -4.87 14.33 3.52
CA ARG A 421 -4.59 15.33 2.50
C ARG A 421 -3.27 15.08 1.80
N GLY A 422 -2.93 13.80 1.58
CA GLY A 422 -1.78 13.43 0.78
C GLY A 422 -2.21 13.01 -0.62
N GLU A 423 -1.19 12.69 -1.42
CA GLU A 423 -1.43 12.21 -2.78
C GLU A 423 -0.53 11.00 -3.05
N PRO A 424 -1.12 9.79 -3.15
CA PRO A 424 -2.56 9.52 -3.09
C PRO A 424 -3.14 9.69 -1.70
N ALA A 425 -4.40 10.13 -1.62
CA ALA A 425 -5.08 10.26 -0.35
C ALA A 425 -5.48 8.89 0.19
N LEU A 426 -5.57 8.80 1.51
CA LEU A 426 -5.93 7.56 2.19
C LEU A 426 -7.18 7.80 3.02
N SER A 427 -8.16 6.91 2.90
CA SER A 427 -9.44 7.06 3.57
C SER A 427 -9.82 5.79 4.31
N THR A 428 -10.57 5.97 5.38
CA THR A 428 -11.12 4.89 6.18
C THR A 428 -12.57 5.21 6.46
N SER A 429 -13.39 4.16 6.57
CA SER A 429 -14.79 4.32 6.92
C SER A 429 -15.12 3.44 8.12
N LYS A 430 -16.05 3.93 8.94
CA LYS A 430 -16.52 3.17 10.08
C LYS A 430 -18.00 3.43 10.29
N SER A 431 -18.76 2.38 10.61
CA SER A 431 -20.21 2.46 10.67
C SER A 431 -20.70 2.19 12.09
N ILE A 432 -21.70 2.96 12.51
CA ILE A 432 -22.45 2.70 13.72
C ILE A 432 -23.92 2.76 13.38
N GLN A 433 -24.71 1.91 14.04
CA GLN A 433 -26.15 1.89 13.83
C GLN A 433 -26.84 2.51 15.04
N VAL A 434 -27.70 3.50 14.76
CA VAL A 434 -28.43 4.24 15.79
C VAL A 434 -29.90 3.87 15.67
N GLN A 435 -30.44 3.26 16.72
CA GLN A 435 -31.81 2.77 16.72
C GLN A 435 -32.74 3.84 17.29
N VAL A 436 -33.81 4.15 16.56
CA VAL A 436 -34.72 5.21 16.96
C VAL A 436 -35.70 4.65 17.99
N SER A 437 -35.69 5.24 19.19
CA SER A 437 -36.57 4.79 20.26
C SER A 437 -37.95 5.43 20.12
N ASP A 438 -38.96 4.72 20.62
CA ASP A 438 -40.34 5.10 20.39
C ASP A 438 -40.89 5.92 21.56
N VAL A 439 -41.75 6.89 21.24
CA VAL A 439 -42.51 7.65 22.22
C VAL A 439 -43.98 7.50 21.87
N ASN A 440 -44.83 7.53 22.90
CA ASN A 440 -46.28 7.45 22.69
C ASN A 440 -46.79 8.80 22.20
N ASP A 441 -46.59 9.04 20.90
CA ASP A 441 -47.00 10.29 20.26
C ASP A 441 -47.99 10.06 19.13
N ASN A 442 -48.74 8.95 19.19
CA ASN A 442 -49.79 8.66 18.23
C ASN A 442 -51.01 8.15 18.98
N ALA A 443 -52.15 8.78 18.74
CA ALA A 443 -53.39 8.36 19.38
C ALA A 443 -54.01 7.20 18.59
N PRO A 444 -54.63 6.24 19.26
CA PRO A 444 -55.32 5.17 18.52
C PRO A 444 -56.42 5.74 17.62
N ARG A 445 -56.62 5.08 16.49
CA ARG A 445 -57.68 5.43 15.55
C ARG A 445 -58.58 4.22 15.37
N PHE A 446 -59.87 4.47 15.22
CA PHE A 446 -60.82 3.40 14.97
C PHE A 446 -60.95 3.12 13.49
N SER A 447 -61.14 1.85 13.15
CA SER A 447 -61.34 1.47 11.77
C SER A 447 -62.32 2.41 11.07
N GLN A 448 -63.27 2.97 11.82
CA GLN A 448 -64.29 3.82 11.22
C GLN A 448 -64.73 4.88 12.21
N PRO A 449 -65.15 6.04 11.72
CA PRO A 449 -65.68 7.08 12.63
C PRO A 449 -66.98 6.64 13.28
N VAL A 450 -67.88 6.04 12.51
CA VAL A 450 -69.14 5.57 13.04
C VAL A 450 -69.50 4.25 12.36
N TYR A 451 -70.06 3.32 13.13
CA TYR A 451 -70.46 2.01 12.66
C TYR A 451 -71.98 1.92 12.57
N ASP A 452 -72.45 1.02 11.71
CA ASP A 452 -73.88 0.74 11.55
C ASP A 452 -74.12 -0.72 11.89
N VAL A 453 -74.69 -0.98 13.06
CA VAL A 453 -74.98 -2.32 13.51
C VAL A 453 -76.47 -2.57 13.37
N TYR A 454 -76.81 -3.67 12.70
CA TYR A 454 -78.20 -4.04 12.48
C TYR A 454 -78.49 -5.32 13.25
N VAL A 455 -79.46 -5.25 14.15
CA VAL A 455 -79.74 -6.31 15.12
C VAL A 455 -81.21 -6.70 14.99
N THR A 456 -81.46 -8.01 14.89
CA THR A 456 -82.82 -8.50 14.73
C THR A 456 -83.63 -8.30 16.01
N GLU A 457 -84.89 -7.93 15.83
CA GLU A 457 -85.81 -7.85 16.95
C GLU A 457 -85.90 -9.21 17.64
N ASN A 458 -86.13 -9.18 18.96
CA ASN A 458 -86.19 -10.39 19.75
C ASN A 458 -84.97 -11.28 19.49
N ASN A 459 -83.79 -10.67 19.56
CA ASN A 459 -82.55 -11.37 19.26
C ASN A 459 -82.16 -12.30 20.41
N VAL A 460 -80.98 -12.89 20.31
CA VAL A 460 -80.43 -13.76 21.35
C VAL A 460 -79.63 -12.88 22.31
N PRO A 461 -79.92 -12.89 23.60
CA PRO A 461 -79.06 -12.16 24.56
C PRO A 461 -77.75 -12.88 24.77
N GLY A 462 -76.74 -12.11 25.17
CA GLY A 462 -75.40 -12.63 25.31
C GLY A 462 -74.81 -13.07 23.99
N ALA A 463 -75.15 -12.35 22.91
CA ALA A 463 -74.81 -12.75 21.56
C ALA A 463 -73.79 -11.79 20.97
N TYR A 464 -72.95 -12.33 20.09
CA TYR A 464 -72.09 -11.50 19.25
C TYR A 464 -72.94 -10.80 18.21
N ILE A 465 -72.94 -9.47 18.23
CA ILE A 465 -73.66 -8.67 17.24
C ILE A 465 -72.71 -8.01 16.26
N TYR A 466 -71.59 -7.47 16.74
CA TYR A 466 -70.72 -6.73 15.84
C TYR A 466 -69.30 -6.75 16.39
N ALA A 467 -68.38 -6.15 15.63
CA ALA A 467 -66.99 -6.05 16.03
C ALA A 467 -66.47 -4.66 15.67
N VAL A 468 -65.64 -4.12 16.54
CA VAL A 468 -64.99 -2.83 16.32
C VAL A 468 -63.48 -3.06 16.28
N SER A 469 -62.80 -2.28 15.45
CA SER A 469 -61.35 -2.36 15.35
C SER A 469 -60.73 -1.01 15.70
N ALA A 470 -59.44 -1.05 16.00
CA ALA A 470 -58.68 0.15 16.30
C ALA A 470 -57.21 -0.17 16.14
N THR A 471 -56.42 0.85 15.79
CA THR A 471 -55.01 0.66 15.52
C THR A 471 -54.22 1.84 16.03
N ASP A 472 -52.96 1.58 16.39
CA ASP A 472 -52.08 2.55 17.01
C ASP A 472 -50.69 2.36 16.43
N ARG A 473 -50.06 3.46 16.00
CA ARG A 473 -48.83 3.36 15.24
C ARG A 473 -47.62 3.02 16.09
N ASP A 474 -47.65 3.37 17.38
CA ASP A 474 -46.45 3.29 18.20
C ASP A 474 -46.03 1.83 18.41
N GLU A 475 -44.98 1.64 19.22
CA GLU A 475 -44.32 0.36 19.37
C GLU A 475 -44.79 -0.34 20.63
N GLY A 476 -45.23 -1.59 20.49
CA GLY A 476 -45.57 -2.44 21.62
C GLY A 476 -46.55 -1.85 22.60
N ALA A 477 -46.09 -1.57 23.81
CA ALA A 477 -46.97 -1.05 24.85
C ALA A 477 -47.67 0.23 24.40
N ASN A 478 -46.90 1.16 23.82
CA ASN A 478 -47.48 2.42 23.37
C ASN A 478 -48.55 2.24 22.31
N ALA A 479 -48.76 1.01 21.81
CA ALA A 479 -49.78 0.72 20.83
C ALA A 479 -50.58 -0.54 21.17
N GLN A 480 -50.58 -0.94 22.44
CA GLN A 480 -51.39 -2.06 22.91
C GLN A 480 -52.73 -1.52 23.39
N LEU A 481 -53.82 -2.03 22.83
CA LEU A 481 -55.12 -1.39 22.93
C LEU A 481 -56.07 -2.11 23.88
N ALA A 482 -56.87 -1.31 24.59
CA ALA A 482 -57.96 -1.80 25.43
C ALA A 482 -59.22 -1.03 25.09
N TYR A 483 -60.32 -1.76 24.87
CA TYR A 483 -61.57 -1.19 24.40
C TYR A 483 -62.55 -0.99 25.55
N SER A 484 -63.46 -0.04 25.35
CA SER A 484 -64.43 0.31 26.38
C SER A 484 -65.70 0.83 25.70
N ILE A 485 -66.83 0.68 26.39
CA ILE A 485 -68.04 1.43 26.08
C ILE A 485 -68.10 2.60 27.04
N LEU A 486 -68.03 3.81 26.51
CA LEU A 486 -68.13 4.98 27.37
C LEU A 486 -69.54 5.08 27.93
N GLU A 487 -69.64 5.24 29.24
CA GLU A 487 -70.95 5.23 29.90
C GLU A 487 -71.86 6.30 29.29
N CYS A 488 -73.11 5.92 29.08
CA CYS A 488 -74.15 6.83 28.65
C CYS A 488 -75.45 6.35 29.27
N GLN A 489 -76.57 6.95 28.88
CA GLN A 489 -77.88 6.56 29.38
C GLN A 489 -78.80 6.20 28.23
N ILE A 490 -79.54 5.12 28.41
CA ILE A 490 -80.44 4.61 27.37
C ILE A 490 -81.71 4.10 28.04
N GLN A 491 -82.85 4.60 27.59
CA GLN A 491 -84.16 4.22 28.13
C GLN A 491 -84.13 4.25 29.66
N GLY A 492 -83.73 5.39 30.20
CA GLY A 492 -83.79 5.60 31.64
C GLY A 492 -82.82 4.79 32.47
N MET A 493 -81.89 4.08 31.86
CA MET A 493 -80.91 3.31 32.61
C MET A 493 -79.62 3.23 31.81
N SER A 494 -78.68 2.40 32.26
CA SER A 494 -77.33 2.43 31.74
C SER A 494 -77.22 1.78 30.37
N VAL A 495 -76.12 2.10 29.69
CA VAL A 495 -75.84 1.56 28.36
C VAL A 495 -75.23 0.16 28.44
N PHE A 496 -74.58 -0.17 29.54
CA PHE A 496 -74.01 -1.49 29.72
C PHE A 496 -75.07 -2.56 29.90
N THR A 497 -76.34 -2.17 29.97
CA THR A 497 -77.43 -3.12 30.06
C THR A 497 -77.71 -3.80 28.74
N TYR A 498 -77.29 -3.19 27.63
CA TYR A 498 -77.61 -3.68 26.30
C TYR A 498 -76.40 -4.34 25.64
N VAL A 499 -75.24 -3.70 25.69
CA VAL A 499 -74.07 -4.17 24.98
C VAL A 499 -72.85 -4.14 25.91
N SER A 500 -71.98 -5.14 25.74
CA SER A 500 -70.69 -5.16 26.41
C SER A 500 -69.61 -5.35 25.36
N ILE A 501 -68.41 -4.85 25.66
CA ILE A 501 -67.28 -4.93 24.74
C ILE A 501 -66.20 -5.83 25.34
N ASN A 502 -65.66 -6.70 24.49
CA ASN A 502 -64.47 -7.48 24.82
C ASN A 502 -63.26 -6.54 24.81
N SER A 503 -62.73 -6.22 26.00
CA SER A 503 -61.71 -5.19 26.10
C SER A 503 -60.44 -5.54 25.34
N GLU A 504 -60.27 -6.81 24.94
CA GLU A 504 -59.15 -7.22 24.11
C GLU A 504 -59.52 -7.23 22.62
N ASN A 505 -60.60 -7.94 22.27
CA ASN A 505 -60.98 -8.10 20.86
C ASN A 505 -61.70 -6.88 20.31
N GLY A 506 -62.30 -6.04 21.15
CA GLY A 506 -63.15 -4.98 20.66
C GLY A 506 -64.50 -5.43 20.17
N TYR A 507 -64.98 -6.60 20.60
CA TYR A 507 -66.24 -7.15 20.13
C TYR A 507 -67.42 -6.48 20.82
N LEU A 508 -68.46 -6.19 20.04
CA LEU A 508 -69.72 -5.67 20.55
C LEU A 508 -70.70 -6.82 20.70
N TYR A 509 -71.19 -7.00 21.92
CA TYR A 509 -72.09 -8.09 22.29
C TYR A 509 -73.42 -7.52 22.78
N ALA A 510 -74.52 -8.08 22.30
CA ALA A 510 -75.84 -7.76 22.82
C ALA A 510 -76.11 -8.58 24.07
N LEU A 511 -76.75 -7.94 25.05
CA LEU A 511 -77.00 -8.56 26.34
C LEU A 511 -78.47 -8.84 26.61
N ARG A 512 -79.38 -8.27 25.83
CA ARG A 512 -80.80 -8.46 26.02
C ARG A 512 -81.48 -8.54 24.66
N SER A 513 -82.56 -9.33 24.60
CA SER A 513 -83.35 -9.40 23.38
C SER A 513 -84.08 -8.07 23.19
N PHE A 514 -83.82 -7.42 22.07
CA PHE A 514 -84.37 -6.09 21.82
C PHE A 514 -85.77 -6.20 21.22
N ASP A 515 -86.65 -5.32 21.67
CA ASP A 515 -88.00 -5.18 21.12
C ASP A 515 -88.04 -3.91 20.27
N TYR A 516 -88.21 -4.09 18.96
CA TYR A 516 -88.25 -2.96 18.05
C TYR A 516 -89.33 -1.96 18.46
N GLU A 517 -90.45 -2.47 18.98
CA GLU A 517 -91.58 -1.60 19.28
C GLU A 517 -91.26 -0.62 20.40
N GLN A 518 -90.33 -0.98 21.30
CA GLN A 518 -89.96 -0.12 22.42
C GLN A 518 -88.73 0.73 22.11
N LEU A 519 -87.67 0.11 21.59
CA LEU A 519 -86.48 0.84 21.18
C LEU A 519 -86.04 0.30 19.82
N LYS A 520 -85.55 1.19 18.96
CA LYS A 520 -85.12 0.84 17.62
C LYS A 520 -83.71 1.27 17.29
N ASP A 521 -83.18 2.27 17.97
CA ASP A 521 -81.84 2.77 17.71
C ASP A 521 -81.24 3.30 18.99
N PHE A 522 -79.93 3.17 19.12
CA PHE A 522 -79.21 3.95 20.11
C PHE A 522 -77.79 4.15 19.62
N SER A 523 -77.00 4.86 20.41
CA SER A 523 -75.68 5.31 20.00
C SER A 523 -74.79 5.42 21.22
N PHE A 524 -73.65 4.75 21.19
CA PHE A 524 -72.65 4.90 22.25
C PHE A 524 -71.32 5.30 21.64
N GLN A 525 -70.58 6.12 22.38
CA GLN A 525 -69.20 6.42 22.03
C GLN A 525 -68.33 5.31 22.59
N VAL A 526 -67.76 4.49 21.71
CA VAL A 526 -66.85 3.44 22.14
C VAL A 526 -65.42 3.97 22.06
N GLU A 527 -64.60 3.59 23.03
CA GLU A 527 -63.27 4.17 23.20
C GLU A 527 -62.21 3.08 23.15
N ALA A 528 -61.02 3.45 22.69
CA ALA A 528 -59.88 2.56 22.66
C ALA A 528 -58.67 3.32 23.18
N ARG A 529 -58.09 2.83 24.28
CA ARG A 529 -56.93 3.44 24.90
C ARG A 529 -55.71 2.56 24.67
N ASP A 530 -54.53 3.18 24.66
CA ASP A 530 -53.29 2.43 24.52
C ASP A 530 -52.56 2.37 25.86
N ALA A 531 -51.63 1.42 25.96
CA ALA A 531 -50.80 1.28 27.15
C ALA A 531 -49.63 2.26 27.04
N GLY A 532 -49.90 3.51 27.43
CA GLY A 532 -48.90 4.54 27.46
C GLY A 532 -48.42 4.78 28.88
N SER A 533 -47.12 4.61 29.09
CA SER A 533 -46.59 4.67 30.44
C SER A 533 -46.38 6.12 30.89
N PRO A 534 -45.72 7.00 30.07
CA PRO A 534 -45.57 8.38 30.54
C PRO A 534 -46.89 9.12 30.50
N GLN A 535 -47.60 8.95 29.39
CA GLN A 535 -48.93 9.53 29.22
C GLN A 535 -49.71 8.62 28.31
N ALA A 536 -50.79 8.03 28.83
CA ALA A 536 -51.61 7.15 28.02
C ALA A 536 -52.38 7.97 26.99
N LEU A 537 -52.53 7.42 25.78
CA LEU A 537 -53.28 8.04 24.71
C LEU A 537 -54.47 7.18 24.35
N ALA A 538 -55.53 7.84 23.88
CA ALA A 538 -56.77 7.14 23.55
C ALA A 538 -57.50 7.88 22.45
N GLY A 539 -58.34 7.13 21.72
CA GLY A 539 -59.24 7.71 20.76
C GLY A 539 -60.63 7.13 20.96
N ASN A 540 -61.61 7.75 20.31
CA ASN A 540 -62.99 7.32 20.44
C ASN A 540 -63.61 7.14 19.07
N ALA A 541 -64.87 6.72 19.07
CA ALA A 541 -65.68 6.51 17.89
C ALA A 541 -67.12 6.39 18.36
N THR A 542 -68.04 6.24 17.43
CA THR A 542 -69.46 6.14 17.77
C THR A 542 -70.11 4.98 17.03
N VAL A 543 -70.91 4.21 17.75
CA VAL A 543 -71.63 3.09 17.17
C VAL A 543 -73.12 3.38 17.29
N ASN A 544 -73.82 3.22 16.17
CA ASN A 544 -75.27 3.32 16.11
C ASN A 544 -75.82 1.91 15.97
N ILE A 545 -76.49 1.44 17.01
CA ILE A 545 -77.20 0.17 16.96
C ILE A 545 -78.57 0.48 16.40
N LEU A 546 -78.82 0.02 15.17
CA LEU A 546 -80.14 0.04 14.58
C LEU A 546 -80.72 -1.37 14.69
N ILE A 547 -82.04 -1.45 14.88
CA ILE A 547 -82.69 -2.71 15.23
C ILE A 547 -83.66 -3.11 14.13
N VAL A 548 -83.41 -4.28 13.54
CA VAL A 548 -84.34 -4.85 12.58
C VAL A 548 -85.68 -5.09 13.24
N ASP A 549 -86.75 -4.85 12.50
CA ASP A 549 -88.10 -5.19 12.93
C ASP A 549 -88.46 -6.58 12.42
N GLN A 550 -89.19 -7.33 13.23
CA GLN A 550 -89.57 -8.69 12.90
C GLN A 550 -91.05 -8.88 13.18
N ASN A 551 -91.73 -9.63 12.31
CA ASN A 551 -93.18 -9.78 12.40
C ASN A 551 -93.52 -10.66 13.61
N ASP A 552 -93.53 -10.04 14.78
CA ASP A 552 -93.88 -10.72 16.02
C ASP A 552 -95.20 -10.25 16.61
N ASN A 553 -95.79 -9.18 16.07
CA ASN A 553 -97.13 -8.73 16.47
C ASN A 553 -98.13 -9.17 15.41
N ALA A 554 -99.21 -9.82 15.87
CA ALA A 554 -100.24 -10.28 14.96
C ALA A 554 -101.30 -9.20 14.77
N PRO A 555 -101.95 -9.15 13.60
CA PRO A 555 -102.99 -8.16 13.38
C PRO A 555 -104.27 -8.54 14.11
N ALA A 556 -105.12 -7.53 14.32
CA ALA A 556 -106.37 -7.73 15.03
C ALA A 556 -107.39 -6.72 14.52
N ILE A 557 -108.65 -7.14 14.52
CA ILE A 557 -109.72 -6.32 13.97
C ILE A 557 -110.21 -5.33 15.02
N VAL A 558 -110.44 -4.10 14.60
CA VAL A 558 -111.01 -3.06 15.45
C VAL A 558 -112.36 -2.59 14.94
N ALA A 559 -112.79 -3.03 13.75
CA ALA A 559 -114.07 -2.62 13.20
C ALA A 559 -114.60 -3.68 12.22
N PRO A 560 -115.91 -3.96 12.23
CA PRO A 560 -116.90 -3.30 13.09
C PRO A 560 -116.97 -3.94 14.47
N LEU A 561 -117.44 -3.17 15.44
CA LEU A 561 -117.41 -3.60 16.82
C LEU A 561 -118.38 -4.78 17.00
N PRO A 562 -117.95 -5.87 17.63
CA PRO A 562 -118.81 -7.07 17.67
C PRO A 562 -119.90 -6.99 18.72
N GLY A 563 -120.51 -8.13 19.04
CA GLY A 563 -121.57 -8.18 20.03
C GLY A 563 -121.04 -8.40 21.44
N ARG A 564 -121.99 -8.50 22.37
CA ARG A 564 -121.65 -8.78 23.76
C ARG A 564 -121.22 -10.24 23.89
N ASN A 565 -120.01 -10.46 24.39
CA ASN A 565 -119.53 -11.80 24.72
C ASN A 565 -119.26 -12.62 23.47
N GLY A 566 -118.21 -12.27 22.73
CA GLY A 566 -117.76 -13.09 21.60
C GLY A 566 -118.85 -13.45 20.64
N THR A 567 -119.68 -12.49 20.25
CA THR A 567 -120.79 -12.74 19.37
C THR A 567 -120.62 -11.96 18.07
N PRO A 568 -120.70 -12.61 16.91
CA PRO A 568 -120.42 -11.91 15.65
C PRO A 568 -121.13 -10.57 15.51
N ALA A 569 -120.54 -9.68 14.73
CA ALA A 569 -121.18 -8.42 14.38
C ALA A 569 -122.31 -8.68 13.39
N ARG A 570 -123.44 -8.01 13.61
CA ARG A 570 -124.63 -8.18 12.79
C ARG A 570 -124.86 -6.90 12.00
N GLU A 571 -124.55 -6.92 10.71
CA GLU A 571 -124.78 -5.80 9.82
C GLU A 571 -125.91 -6.18 8.86
N VAL A 572 -126.96 -5.35 8.83
CA VAL A 572 -128.17 -5.66 8.07
C VAL A 572 -127.97 -5.30 6.61
N LEU A 573 -128.28 -6.25 5.72
CA LEU A 573 -128.29 -6.02 4.29
C LEU A 573 -129.72 -6.00 3.79
N PRO A 574 -130.22 -4.91 3.20
CA PRO A 574 -131.55 -4.96 2.58
C PRO A 574 -131.56 -5.92 1.39
N ARG A 575 -132.36 -6.98 1.50
CA ARG A 575 -132.48 -7.93 0.40
C ARG A 575 -132.91 -7.24 -0.89
N SER A 576 -133.56 -6.08 -0.78
CA SER A 576 -133.93 -5.27 -1.94
C SER A 576 -132.79 -4.31 -2.26
N ALA A 577 -131.66 -4.89 -2.66
CA ALA A 577 -130.47 -4.12 -2.98
C ALA A 577 -129.85 -4.66 -4.27
N GLU A 578 -128.85 -3.95 -4.76
CA GLU A 578 -128.27 -4.15 -6.08
C GLU A 578 -126.84 -4.67 -5.97
N PRO A 579 -126.25 -5.09 -7.10
CA PRO A 579 -124.81 -5.38 -7.09
C PRO A 579 -124.00 -4.11 -6.89
N GLY A 580 -122.93 -4.24 -6.11
CA GLY A 580 -122.08 -3.11 -5.80
C GLY A 580 -122.59 -2.26 -4.66
N TYR A 581 -123.34 -2.83 -3.73
CA TYR A 581 -123.93 -2.10 -2.61
C TYR A 581 -123.04 -2.27 -1.38
N LEU A 582 -122.50 -1.16 -0.89
CA LEU A 582 -121.51 -1.18 0.18
C LEU A 582 -122.17 -1.47 1.52
N LEU A 583 -121.54 -2.36 2.30
CA LEU A 583 -122.04 -2.76 3.62
C LEU A 583 -121.30 -2.03 4.74
N THR A 584 -120.00 -2.25 4.85
CA THR A 584 -119.17 -1.61 5.87
C THR A 584 -117.72 -1.92 5.51
N ARG A 585 -116.80 -1.31 6.26
CA ARG A 585 -115.37 -1.46 6.03
C ARG A 585 -114.72 -2.05 7.26
N VAL A 586 -113.89 -3.05 7.07
CA VAL A 586 -113.16 -3.71 8.16
C VAL A 586 -111.80 -3.04 8.30
N ALA A 587 -111.54 -2.55 9.50
CA ALA A 587 -110.25 -1.95 9.83
C ALA A 587 -109.57 -2.78 10.92
N ALA A 588 -108.31 -3.12 10.69
CA ALA A 588 -107.50 -3.83 11.66
C ALA A 588 -106.26 -3.01 11.97
N VAL A 589 -105.47 -3.48 12.94
CA VAL A 589 -104.27 -2.79 13.38
C VAL A 589 -103.14 -3.79 13.53
N ASP A 590 -101.92 -3.29 13.39
CA ASP A 590 -100.71 -4.07 13.65
C ASP A 590 -99.66 -3.13 14.22
N ALA A 591 -99.08 -3.51 15.36
CA ALA A 591 -98.07 -2.67 16.00
C ALA A 591 -96.69 -2.81 15.38
N ASP A 592 -96.53 -3.68 14.39
CA ASP A 592 -95.26 -3.81 13.69
C ASP A 592 -95.07 -2.59 12.80
N ASP A 593 -94.01 -2.62 12.00
CA ASP A 593 -93.71 -1.58 11.04
C ASP A 593 -93.59 -2.19 9.66
N GLY A 594 -94.04 -1.46 8.65
CA GLY A 594 -93.83 -1.84 7.27
C GLY A 594 -94.60 -3.09 6.86
N GLU A 595 -94.00 -3.85 5.94
CA GLU A 595 -94.65 -5.04 5.40
C GLU A 595 -95.09 -5.99 6.51
N ASN A 596 -94.48 -5.89 7.69
CA ASN A 596 -94.97 -6.63 8.85
C ASN A 596 -96.28 -6.07 9.38
N ALA A 597 -96.63 -4.84 8.98
CA ALA A 597 -97.91 -4.23 9.37
C ALA A 597 -98.77 -3.87 8.17
N ARG A 598 -98.36 -4.25 6.96
CA ARG A 598 -99.27 -4.19 5.82
C ARG A 598 -100.50 -5.03 6.12
N LEU A 599 -101.64 -4.65 5.56
CA LEU A 599 -102.90 -5.26 5.94
C LEU A 599 -103.73 -5.54 4.70
N THR A 600 -104.02 -6.82 4.47
CA THR A 600 -104.92 -7.23 3.40
C THR A 600 -106.01 -8.12 3.97
N TYR A 601 -107.18 -8.08 3.34
CA TYR A 601 -108.40 -8.66 3.88
C TYR A 601 -108.99 -9.64 2.88
N SER A 602 -109.64 -10.68 3.40
CA SER A 602 -110.24 -11.69 2.55
C SER A 602 -111.41 -12.34 3.29
N ILE A 603 -112.09 -13.26 2.59
CA ILE A 603 -113.17 -14.06 3.17
C ILE A 603 -113.04 -15.48 2.65
N VAL A 604 -113.13 -16.46 3.56
CA VAL A 604 -113.00 -17.86 3.18
C VAL A 604 -114.39 -18.47 3.01
N ARG A 605 -115.22 -18.38 4.06
CA ARG A 605 -116.53 -19.00 4.07
C ARG A 605 -117.59 -17.98 4.43
N GLY A 606 -118.84 -18.31 4.10
CA GLY A 606 -120.00 -17.50 4.42
C GLY A 606 -120.72 -16.96 3.20
N ASN A 607 -119.99 -16.66 2.14
CA ASN A 607 -120.61 -16.20 0.91
C ASN A 607 -121.18 -17.39 0.15
N GLU A 608 -122.21 -17.12 -0.64
CA GLU A 608 -122.89 -18.16 -1.42
C GLU A 608 -122.86 -17.74 -2.88
N MET A 609 -122.09 -18.48 -3.69
CA MET A 609 -122.03 -18.26 -5.14
C MET A 609 -121.72 -16.81 -5.47
N ASN A 610 -120.64 -16.30 -4.90
CA ASN A 610 -120.15 -14.96 -5.19
C ASN A 610 -121.22 -13.91 -4.89
N LEU A 611 -121.76 -13.96 -3.67
CA LEU A 611 -122.75 -13.00 -3.24
C LEU A 611 -122.14 -11.74 -2.66
N PHE A 612 -120.90 -11.81 -2.18
CA PHE A 612 -120.24 -10.67 -1.56
C PHE A 612 -118.81 -10.56 -2.06
N ARG A 613 -118.25 -9.36 -1.93
CA ARG A 613 -116.87 -9.10 -2.31
C ARG A 613 -116.22 -8.18 -1.29
N MET A 614 -114.90 -8.28 -1.18
CA MET A 614 -114.13 -7.55 -0.20
C MET A 614 -112.83 -7.08 -0.82
N ASP A 615 -112.39 -5.89 -0.41
CA ASP A 615 -111.26 -5.25 -1.04
C ASP A 615 -109.94 -5.79 -0.49
N TRP A 616 -108.97 -5.93 -1.40
CA TRP A 616 -107.61 -6.30 -1.00
C TRP A 616 -107.12 -5.41 0.13
N ARG A 617 -107.04 -4.10 -0.12
CA ARG A 617 -106.46 -3.17 0.84
C ARG A 617 -107.48 -2.55 1.78
N THR A 618 -108.73 -2.40 1.36
CA THR A 618 -109.67 -1.61 2.14
C THR A 618 -110.50 -2.45 3.10
N GLY A 619 -110.89 -3.65 2.70
CA GLY A 619 -111.81 -4.43 3.51
C GLY A 619 -113.24 -3.95 3.42
N GLU A 620 -113.63 -3.37 2.29
CA GLU A 620 -115.01 -2.92 2.09
C GLU A 620 -115.85 -4.09 1.59
N LEU A 621 -116.96 -4.35 2.28
CA LEU A 621 -117.92 -5.36 1.85
C LEU A 621 -118.94 -4.72 0.95
N ARG A 622 -119.00 -5.17 -0.30
CA ARG A 622 -120.06 -4.75 -1.20
C ARG A 622 -120.58 -5.96 -1.95
N THR A 623 -121.84 -5.90 -2.32
CA THR A 623 -122.51 -7.04 -2.95
C THR A 623 -122.01 -7.22 -4.38
N ALA A 624 -121.64 -8.46 -4.73
CA ALA A 624 -121.29 -8.76 -6.11
C ALA A 624 -122.51 -8.95 -6.98
N ARG A 625 -123.58 -9.50 -6.42
CA ARG A 625 -124.81 -9.77 -7.15
C ARG A 625 -125.97 -9.69 -6.16
N ARG A 626 -127.19 -9.67 -6.70
CA ARG A 626 -128.39 -9.57 -5.88
C ARG A 626 -128.59 -10.88 -5.11
N VAL A 627 -129.71 -11.00 -4.42
CA VAL A 627 -130.03 -12.18 -3.63
C VAL A 627 -131.08 -13.00 -4.38
N PRO A 628 -130.69 -13.80 -5.37
CA PRO A 628 -131.69 -14.58 -6.11
C PRO A 628 -132.23 -15.73 -5.28
N ALA A 629 -133.52 -16.02 -5.47
CA ALA A 629 -134.19 -17.13 -4.81
C ALA A 629 -133.94 -17.11 -3.30
N LYS A 630 -134.18 -15.96 -2.69
CA LYS A 630 -133.97 -15.79 -1.25
C LYS A 630 -134.82 -14.63 -0.77
N ARG A 631 -135.63 -14.87 0.26
CA ARG A 631 -136.52 -13.86 0.83
C ARG A 631 -136.56 -14.08 2.34
N ASP A 632 -135.71 -13.37 3.05
CA ASP A 632 -135.64 -13.43 4.51
C ASP A 632 -135.58 -14.88 5.00
N PRO A 633 -134.54 -15.62 4.65
CA PRO A 633 -134.42 -16.99 5.11
C PRO A 633 -134.21 -17.06 6.61
N GLN A 634 -134.58 -18.22 7.18
CA GLN A 634 -134.40 -18.42 8.62
C GLN A 634 -132.93 -18.31 9.00
N ARG A 635 -132.04 -18.89 8.20
CA ARG A 635 -130.62 -18.89 8.50
C ARG A 635 -129.92 -17.78 7.72
N PRO A 636 -129.48 -16.70 8.38
CA PRO A 636 -128.82 -15.62 7.64
C PRO A 636 -127.40 -16.02 7.23
N TYR A 637 -126.76 -15.12 6.48
CA TYR A 637 -125.41 -15.40 6.01
C TYR A 637 -124.40 -15.10 7.12
N GLU A 638 -123.31 -15.87 7.14
CA GLU A 638 -122.26 -15.65 8.14
C GLU A 638 -120.90 -15.78 7.48
N LEU A 639 -120.22 -14.65 7.32
CA LEU A 639 -118.90 -14.62 6.70
C LEU A 639 -117.80 -14.82 7.74
N VAL A 640 -116.61 -15.14 7.26
CA VAL A 640 -115.41 -15.17 8.09
C VAL A 640 -114.32 -14.40 7.35
N ILE A 641 -113.82 -13.34 7.96
CA ILE A 641 -112.86 -12.44 7.34
C ILE A 641 -111.48 -12.73 7.88
N GLU A 642 -110.49 -12.75 6.98
CA GLU A 642 -109.08 -12.93 7.32
C GLU A 642 -108.34 -11.62 7.16
N VAL A 643 -107.73 -11.14 8.24
CA VAL A 643 -106.75 -10.07 8.20
C VAL A 643 -105.37 -10.69 8.14
N ARG A 644 -104.53 -10.18 7.22
CA ARG A 644 -103.18 -10.70 7.07
C ARG A 644 -102.19 -9.55 6.93
N ASP A 645 -101.00 -9.77 7.46
CA ASP A 645 -99.84 -8.93 7.15
C ASP A 645 -98.98 -9.66 6.12
N HIS A 646 -97.97 -8.94 5.62
CA HIS A 646 -97.11 -9.44 4.55
C HIS A 646 -95.67 -9.63 5.01
N GLY A 647 -95.48 -9.92 6.30
CA GLY A 647 -94.17 -10.25 6.81
C GLY A 647 -93.93 -11.75 6.84
N GLN A 648 -92.73 -12.12 7.29
CA GLN A 648 -92.39 -13.52 7.45
C GLN A 648 -91.90 -13.77 8.88
N PRO A 649 -92.62 -14.61 9.64
CA PRO A 649 -93.84 -15.36 9.28
C PRO A 649 -95.08 -14.46 9.17
N PRO A 650 -95.89 -14.64 8.13
CA PRO A 650 -97.11 -13.83 8.01
C PRO A 650 -98.15 -14.23 9.05
N LEU A 651 -98.65 -13.25 9.78
CA LEU A 651 -99.62 -13.46 10.84
C LEU A 651 -100.99 -12.94 10.42
N SER A 652 -102.03 -13.60 10.93
CA SER A 652 -103.39 -13.29 10.54
C SER A 652 -104.28 -13.26 11.78
N SER A 653 -105.49 -12.74 11.60
CA SER A 653 -106.52 -12.89 12.62
C SER A 653 -107.87 -12.73 11.94
N THR A 654 -108.84 -13.52 12.39
CA THR A 654 -110.10 -13.66 11.67
C THR A 654 -111.27 -13.19 12.52
N ALA A 655 -112.41 -13.00 11.87
CA ALA A 655 -113.62 -12.61 12.58
C ALA A 655 -114.83 -13.16 11.85
N THR A 656 -115.97 -13.18 12.55
CA THR A 656 -117.22 -13.67 12.00
C THR A 656 -118.19 -12.51 11.78
N LEU A 657 -118.90 -12.57 10.66
CA LEU A 657 -119.91 -11.57 10.31
C LEU A 657 -121.26 -12.24 10.16
N VAL A 658 -122.31 -11.50 10.51
CA VAL A 658 -123.69 -11.96 10.38
C VAL A 658 -124.41 -10.95 9.50
N VAL A 659 -124.79 -11.38 8.30
CA VAL A 659 -125.53 -10.56 7.36
C VAL A 659 -126.95 -11.10 7.34
N GLN A 660 -127.85 -10.34 7.96
CA GLN A 660 -129.29 -10.62 8.00
C GLN A 660 -130.01 -9.67 7.06
N LEU A 661 -131.14 -10.13 6.53
CA LEU A 661 -131.78 -9.48 5.39
C LEU A 661 -133.08 -8.79 5.84
N VAL A 662 -132.99 -7.48 6.04
CA VAL A 662 -134.13 -6.64 6.40
C VAL A 662 -134.28 -5.58 5.32
N ASP A 663 -135.38 -5.64 4.57
CA ASP A 663 -135.66 -4.63 3.55
C ASP A 663 -136.63 -3.58 4.07
#